data_5C1O
#
_entry.id   5C1O
#
_cell.length_a   63.029
_cell.length_b   106.795
_cell.length_c   212.012
_cell.angle_alpha   90.00
_cell.angle_beta   90.00
_cell.angle_gamma   90.00
#
_symmetry.space_group_name_H-M   'P 21 21 21'
#
loop_
_entity.id
_entity.type
_entity.pdbx_description
1 polymer 'D-alanine--D-alanine ligase'
2 non-polymer 'PHOSPHOAMINOPHOSPHONIC ACID-ADENYLATE ESTER'
3 non-polymer 'SODIUM ION'
4 non-polymer 'MAGNESIUM ION'
5 water water
#
_entity_poly.entity_id   1
_entity_poly.type   'polypeptide(L)'
_entity_poly.pdbx_seq_one_letter_code
;MAEKVAVLLGGTSAEREVSLLSGQAVLAGLKEAGIDAYGVDTKDFPVTQLKEQGFDKVFIALHGRGGEDGTLQGVLEFLQ
LPYTGSGVMASALTMDKLRTKLVWQALGLPISPYVALNRQQFETLSPEELVACVAKLGLPLIVKPSHEGSSVGMSKVDHA
SELQKALVEAFQHDSDVLIEKWLSGPEFTVAILGDEVLPSIRIQPPGVFYDYDAKYLSDKTQYFCPSGLSDESEQQLAAL
ALQAYHALDCSGWGRVDVMQDRDGHFYLLEVNTSPGMTSHSLVPMAARQYGLSFSQLVARILMLAD
;
_entity_poly.pdbx_strand_id   A,B,C,D
#
# COMPACT_ATOMS: atom_id res chain seq x y z
N MET A 1 -31.33 -46.90 -2.07
CA MET A 1 -32.74 -46.85 -2.59
C MET A 1 -33.05 -45.56 -3.41
N ALA A 2 -33.95 -45.67 -4.39
CA ALA A 2 -34.34 -44.56 -5.25
C ALA A 2 -35.06 -43.38 -4.55
N GLU A 3 -34.73 -42.16 -4.96
CA GLU A 3 -35.27 -40.90 -4.41
C GLU A 3 -36.70 -40.54 -4.78
N LYS A 4 -37.51 -40.17 -3.78
CA LYS A 4 -38.78 -39.48 -4.01
C LYS A 4 -38.57 -37.96 -4.06
N VAL A 5 -38.87 -37.39 -5.21
CA VAL A 5 -38.58 -36.01 -5.52
C VAL A 5 -39.87 -35.24 -5.57
N ALA A 6 -39.93 -34.14 -4.82
CA ALA A 6 -41.04 -33.19 -4.90
C ALA A 6 -40.73 -32.00 -5.82
N VAL A 7 -41.59 -31.80 -6.78
CA VAL A 7 -41.56 -30.64 -7.62
C VAL A 7 -42.51 -29.59 -7.06
N LEU A 8 -42.01 -28.52 -6.46
CA LEU A 8 -42.87 -27.53 -5.83
C LEU A 8 -43.35 -26.54 -6.85
N LEU A 9 -44.64 -26.27 -6.89
CA LEU A 9 -45.15 -25.43 -7.97
C LEU A 9 -46.34 -24.61 -7.58
N GLY A 10 -46.58 -23.60 -8.35
CA GLY A 10 -47.72 -22.78 -8.10
C GLY A 10 -47.46 -21.71 -7.10
N GLY A 11 -47.71 -22.03 -5.84
CA GLY A 11 -47.52 -21.07 -4.78
C GLY A 11 -48.58 -20.00 -4.79
N THR A 12 -48.30 -18.93 -4.07
CA THR A 12 -49.29 -17.91 -3.76
C THR A 12 -48.78 -16.55 -4.12
N SER A 13 -47.79 -16.48 -5.00
CA SER A 13 -47.27 -15.18 -5.39
C SER A 13 -47.86 -14.75 -6.69
N ALA A 14 -47.55 -13.53 -7.02
CA ALA A 14 -48.02 -12.96 -8.25
C ALA A 14 -47.70 -13.87 -9.41
N GLU A 15 -46.63 -14.66 -9.35
CA GLU A 15 -46.20 -15.51 -10.52
C GLU A 15 -46.74 -16.91 -10.49
N ARG A 16 -47.79 -17.12 -9.71
CA ARG A 16 -48.40 -18.44 -9.61
C ARG A 16 -48.67 -19.12 -10.94
N GLU A 17 -49.21 -18.38 -11.90
CA GLU A 17 -49.62 -18.96 -13.18
C GLU A 17 -48.44 -19.51 -13.97
N VAL A 18 -47.42 -18.68 -14.16
CA VAL A 18 -46.20 -19.16 -14.78
C VAL A 18 -45.63 -20.33 -13.97
N SER A 19 -45.71 -20.29 -12.64
CA SER A 19 -45.09 -21.35 -11.90
C SER A 19 -45.82 -22.65 -12.07
N LEU A 20 -47.15 -22.59 -12.19
CA LEU A 20 -47.95 -23.77 -12.56
C LEU A 20 -47.44 -24.36 -13.85
N LEU A 21 -47.27 -23.55 -14.89
CA LEU A 21 -46.71 -24.07 -16.13
C LEU A 21 -45.26 -24.64 -15.97
N SER A 22 -44.37 -23.90 -15.30
CA SER A 22 -42.98 -24.39 -15.09
C SER A 22 -42.96 -25.75 -14.40
N GLY A 23 -43.70 -25.89 -13.32
CA GLY A 23 -43.73 -27.14 -12.57
C GLY A 23 -44.27 -28.31 -13.37
N GLN A 24 -45.24 -28.00 -14.21
CA GLN A 24 -45.87 -29.01 -15.03
C GLN A 24 -44.84 -29.55 -16.03
N ALA A 25 -44.07 -28.66 -16.66
CA ALA A 25 -43.03 -29.09 -17.58
C ALA A 25 -41.92 -29.88 -16.84
N VAL A 26 -41.48 -29.36 -15.71
CA VAL A 26 -40.39 -30.02 -14.98
C VAL A 26 -40.83 -31.39 -14.64
N LEU A 27 -42.07 -31.52 -14.21
CA LEU A 27 -42.64 -32.82 -13.83
C LEU A 27 -42.56 -33.86 -14.97
N ALA A 28 -43.02 -33.46 -16.15
CA ALA A 28 -43.04 -34.35 -17.28
C ALA A 28 -41.59 -34.74 -17.67
N GLY A 29 -40.67 -33.76 -17.68
CA GLY A 29 -39.25 -33.99 -17.92
C GLY A 29 -38.63 -34.99 -16.96
N LEU A 30 -38.88 -34.84 -15.68
CA LEU A 30 -38.31 -35.83 -14.74
C LEU A 30 -38.84 -37.25 -14.90
N LYS A 31 -40.10 -37.39 -15.36
CA LYS A 31 -40.72 -38.72 -15.44
C LYS A 31 -40.21 -39.39 -16.71
N GLU A 32 -40.09 -38.61 -17.78
CA GLU A 32 -39.33 -39.05 -18.94
C GLU A 32 -37.91 -39.57 -18.65
N ALA A 33 -37.23 -39.02 -17.63
CA ALA A 33 -35.92 -39.52 -17.23
C ALA A 33 -35.94 -40.61 -16.17
N GLY A 34 -37.11 -40.94 -15.66
CA GLY A 34 -37.25 -42.08 -14.76
C GLY A 34 -37.14 -41.74 -13.30
N ILE A 35 -37.31 -40.47 -13.01
CA ILE A 35 -37.25 -39.94 -11.65
C ILE A 35 -38.65 -40.07 -11.08
N ASP A 36 -38.74 -40.60 -9.87
CA ASP A 36 -39.99 -40.70 -9.08
C ASP A 36 -40.30 -39.33 -8.47
N ALA A 37 -40.85 -38.47 -9.32
CA ALA A 37 -41.25 -37.11 -9.01
C ALA A 37 -42.77 -37.02 -8.77
N TYR A 38 -43.18 -36.05 -7.99
CA TYR A 38 -44.56 -35.80 -7.68
C TYR A 38 -44.71 -34.29 -7.62
N GLY A 39 -45.77 -33.79 -8.25
CA GLY A 39 -46.09 -32.39 -8.19
C GLY A 39 -46.64 -32.05 -6.80
N VAL A 40 -46.28 -30.86 -6.32
CA VAL A 40 -46.81 -30.32 -5.11
C VAL A 40 -47.16 -28.84 -5.25
N ASP A 41 -48.45 -28.56 -5.38
CA ASP A 41 -48.94 -27.17 -5.40
C ASP A 41 -48.84 -26.63 -3.98
N THR A 42 -47.97 -25.66 -3.75
CA THR A 42 -47.74 -25.16 -2.40
C THR A 42 -48.86 -24.25 -1.90
N LYS A 43 -49.71 -23.71 -2.77
CA LYS A 43 -50.93 -23.06 -2.25
C LYS A 43 -51.69 -23.97 -1.25
N ASP A 44 -51.71 -25.28 -1.49
CA ASP A 44 -52.58 -26.20 -0.72
C ASP A 44 -51.86 -27.18 0.17
N PHE A 45 -50.58 -27.40 -0.08
CA PHE A 45 -49.79 -28.24 0.79
C PHE A 45 -48.69 -27.40 1.48
N PRO A 46 -48.58 -27.52 2.80
CA PRO A 46 -47.57 -26.73 3.50
C PRO A 46 -46.17 -27.30 3.32
N VAL A 47 -45.24 -26.46 2.87
CA VAL A 47 -43.88 -26.91 2.56
C VAL A 47 -43.20 -27.47 3.82
N THR A 48 -43.64 -27.05 4.98
CA THR A 48 -43.13 -27.57 6.22
C THR A 48 -43.42 -29.04 6.44
N GLN A 49 -44.19 -29.65 5.56
CA GLN A 49 -44.45 -31.08 5.74
C GLN A 49 -43.89 -31.99 4.65
N LEU A 50 -42.97 -31.50 3.83
CA LEU A 50 -42.44 -32.34 2.79
C LEU A 50 -41.79 -33.59 3.38
N LYS A 51 -41.09 -33.46 4.51
CA LYS A 51 -40.34 -34.61 5.06
C LYS A 51 -41.27 -35.73 5.56
N GLU A 52 -42.40 -35.33 6.12
CA GLU A 52 -43.37 -36.29 6.63
C GLU A 52 -44.06 -37.02 5.51
N GLN A 53 -44.32 -36.31 4.42
CA GLN A 53 -44.91 -36.90 3.24
C GLN A 53 -43.99 -37.93 2.52
N GLY A 54 -42.78 -38.18 3.06
CA GLY A 54 -41.81 -39.16 2.45
C GLY A 54 -40.87 -38.68 1.32
N PHE A 55 -40.77 -37.39 1.11
CA PHE A 55 -39.91 -36.87 0.05
C PHE A 55 -38.44 -36.84 0.52
N ASP A 56 -37.56 -37.07 -0.44
CA ASP A 56 -36.09 -37.15 -0.27
C ASP A 56 -35.33 -35.97 -0.87
N LYS A 57 -35.90 -35.30 -1.86
CA LYS A 57 -35.21 -34.31 -2.64
C LYS A 57 -36.24 -33.37 -3.23
N VAL A 58 -35.95 -32.07 -3.30
CA VAL A 58 -36.89 -31.11 -3.77
C VAL A 58 -36.33 -30.41 -4.98
N PHE A 59 -37.15 -30.35 -6.04
CA PHE A 59 -36.97 -29.49 -7.21
C PHE A 59 -37.88 -28.26 -7.07
N ILE A 60 -37.27 -27.08 -7.02
CA ILE A 60 -37.95 -25.86 -6.73
C ILE A 60 -38.32 -25.29 -8.06
N ALA A 61 -39.64 -25.22 -8.36
CA ALA A 61 -40.10 -24.55 -9.56
C ALA A 61 -41.07 -23.41 -9.26
N LEU A 62 -40.95 -22.83 -8.06
CA LEU A 62 -41.72 -21.63 -7.66
C LEU A 62 -40.98 -20.36 -8.10
N HIS A 63 -41.70 -19.25 -8.21
CA HIS A 63 -41.11 -18.03 -8.66
C HIS A 63 -41.56 -16.86 -7.76
N GLY A 64 -40.73 -15.82 -7.71
CA GLY A 64 -41.02 -14.70 -6.82
C GLY A 64 -41.07 -15.02 -5.33
N ARG A 65 -41.83 -14.19 -4.65
CA ARG A 65 -41.96 -14.22 -3.21
C ARG A 65 -42.33 -15.60 -2.68
N GLY A 66 -41.51 -16.09 -1.75
CA GLY A 66 -41.72 -17.36 -1.06
C GLY A 66 -41.18 -18.51 -1.87
N GLY A 67 -40.55 -18.23 -3.02
CA GLY A 67 -39.99 -19.26 -3.87
C GLY A 67 -38.51 -19.11 -4.15
N GLU A 68 -38.09 -17.91 -4.54
CA GLU A 68 -36.72 -17.65 -4.88
C GLU A 68 -35.98 -16.65 -3.95
N ASP A 69 -36.53 -16.43 -2.76
CA ASP A 69 -36.08 -15.31 -1.95
C ASP A 69 -35.43 -15.75 -0.61
N GLY A 70 -35.17 -17.02 -0.44
CA GLY A 70 -34.56 -17.49 0.77
C GLY A 70 -35.45 -18.14 1.77
N THR A 71 -36.71 -17.78 1.78
CA THR A 71 -37.63 -18.28 2.78
C THR A 71 -37.90 -19.77 2.57
N LEU A 72 -38.26 -20.16 1.36
CA LEU A 72 -38.44 -21.58 1.11
C LEU A 72 -37.16 -22.34 1.40
N GLN A 73 -36.03 -21.80 0.92
CA GLN A 73 -34.75 -22.43 1.14
C GLN A 73 -34.47 -22.65 2.63
N GLY A 74 -34.81 -21.68 3.44
CA GLY A 74 -34.64 -21.84 4.88
C GLY A 74 -35.47 -23.00 5.37
N VAL A 75 -36.70 -23.11 4.87
CA VAL A 75 -37.57 -24.22 5.33
C VAL A 75 -36.86 -25.52 5.00
N LEU A 76 -36.31 -25.61 3.79
CA LEU A 76 -35.69 -26.85 3.33
C LEU A 76 -34.41 -27.18 4.09
N GLU A 77 -33.65 -26.17 4.49
CA GLU A 77 -32.50 -26.40 5.35
C GLU A 77 -32.95 -26.86 6.74
N PHE A 78 -34.04 -26.29 7.24
CA PHE A 78 -34.54 -26.75 8.52
C PHE A 78 -34.91 -28.22 8.45
N LEU A 79 -35.62 -28.61 7.41
CA LEU A 79 -35.95 -30.02 7.26
C LEU A 79 -34.75 -30.88 6.87
N GLN A 80 -33.64 -30.28 6.46
CA GLN A 80 -32.48 -31.06 5.99
C GLN A 80 -32.79 -31.89 4.76
N LEU A 81 -33.58 -31.30 3.85
CA LEU A 81 -33.79 -31.84 2.53
C LEU A 81 -32.94 -31.10 1.50
N PRO A 82 -32.17 -31.83 0.71
CA PRO A 82 -31.52 -31.26 -0.43
C PRO A 82 -32.52 -30.80 -1.50
N TYR A 83 -32.16 -29.73 -2.20
CA TYR A 83 -33.04 -29.02 -3.11
C TYR A 83 -32.23 -28.36 -4.21
N THR A 84 -32.89 -27.98 -5.30
CA THR A 84 -32.21 -27.44 -6.45
C THR A 84 -31.98 -25.95 -6.30
N GLY A 85 -31.14 -25.38 -7.12
CA GLY A 85 -30.89 -23.92 -7.07
C GLY A 85 -30.02 -23.45 -5.89
N SER A 86 -29.95 -22.14 -5.69
CA SER A 86 -29.05 -21.55 -4.68
C SER A 86 -29.54 -21.65 -3.25
N GLY A 87 -28.62 -21.53 -2.30
CA GLY A 87 -28.95 -21.68 -0.90
C GLY A 87 -29.59 -20.41 -0.35
N VAL A 88 -29.79 -20.32 0.93
CA VAL A 88 -30.55 -19.28 1.54
C VAL A 88 -29.95 -17.92 1.25
N MET A 89 -28.66 -17.80 1.47
CA MET A 89 -27.98 -16.49 1.43
C MET A 89 -28.11 -15.96 0.04
N ALA A 90 -27.63 -16.74 -0.91
CA ALA A 90 -27.68 -16.34 -2.33
C ALA A 90 -29.13 -16.02 -2.86
N SER A 91 -30.08 -16.83 -2.39
CA SER A 91 -31.44 -16.72 -2.92
C SER A 91 -31.98 -15.34 -2.48
N ALA A 92 -31.74 -14.99 -1.21
CA ALA A 92 -32.24 -13.74 -0.61
C ALA A 92 -31.52 -12.50 -1.13
N LEU A 93 -30.22 -12.63 -1.25
CA LEU A 93 -29.35 -11.55 -1.65
C LEU A 93 -29.63 -11.17 -3.10
N THR A 94 -29.89 -12.14 -3.95
CA THR A 94 -30.28 -11.82 -5.35
C THR A 94 -31.60 -11.02 -5.47
N MET A 95 -32.46 -10.99 -4.47
CA MET A 95 -33.65 -10.11 -4.47
C MET A 95 -33.37 -8.69 -4.10
N ASP A 96 -32.16 -8.42 -3.61
CA ASP A 96 -31.86 -7.11 -3.03
C ASP A 96 -30.92 -6.44 -3.98
N LYS A 97 -31.46 -5.44 -4.64
CA LYS A 97 -30.79 -4.86 -5.77
C LYS A 97 -29.59 -4.09 -5.29
N LEU A 98 -29.79 -3.30 -4.25
CA LEU A 98 -28.71 -2.52 -3.69
C LEU A 98 -27.51 -3.39 -3.30
N ARG A 99 -27.75 -4.50 -2.62
CA ARG A 99 -26.62 -5.20 -2.05
C ARG A 99 -26.02 -6.11 -3.06
N THR A 100 -26.84 -6.59 -3.97
CA THR A 100 -26.29 -7.23 -5.13
C THR A 100 -25.32 -6.24 -5.80
N LYS A 101 -25.72 -4.99 -5.99
CA LYS A 101 -24.83 -4.05 -6.71
C LYS A 101 -23.51 -3.84 -5.92
N LEU A 102 -23.63 -3.66 -4.61
CA LEU A 102 -22.48 -3.45 -3.74
C LEU A 102 -21.51 -4.62 -3.82
N VAL A 103 -22.02 -5.83 -3.73
CA VAL A 103 -21.10 -6.94 -3.84
C VAL A 103 -20.35 -6.93 -5.16
N TRP A 104 -21.03 -6.60 -6.23
CA TRP A 104 -20.38 -6.60 -7.54
C TRP A 104 -19.36 -5.44 -7.68
N GLN A 105 -19.72 -4.29 -7.17
CA GLN A 105 -18.89 -3.13 -7.28
C GLN A 105 -17.58 -3.33 -6.46
N ALA A 106 -17.70 -3.79 -5.22
CA ALA A 106 -16.49 -4.13 -4.44
C ALA A 106 -15.56 -5.08 -5.20
N LEU A 107 -16.09 -5.99 -6.00
CA LEU A 107 -15.25 -6.84 -6.84
C LEU A 107 -14.84 -6.21 -8.18
N GLY A 108 -15.22 -4.97 -8.44
CA GLY A 108 -14.87 -4.33 -9.71
C GLY A 108 -15.57 -4.96 -10.92
N LEU A 109 -16.71 -5.60 -10.71
CA LEU A 109 -17.54 -6.06 -11.82
C LEU A 109 -18.35 -4.89 -12.35
N PRO A 110 -18.64 -4.88 -13.65
CA PRO A 110 -19.26 -3.67 -14.21
C PRO A 110 -20.75 -3.57 -13.91
N ILE A 111 -21.13 -2.45 -13.31
CA ILE A 111 -22.50 -2.08 -13.05
C ILE A 111 -22.70 -0.65 -13.48
N SER A 112 -23.93 -0.34 -13.86
CA SER A 112 -24.35 1.01 -14.15
C SER A 112 -24.21 1.94 -12.94
N PRO A 113 -23.61 3.15 -13.12
CA PRO A 113 -23.49 4.14 -12.06
C PRO A 113 -24.82 4.50 -11.49
N TYR A 114 -24.88 4.69 -10.19
CA TYR A 114 -26.16 4.80 -9.51
C TYR A 114 -25.96 5.56 -8.24
N VAL A 115 -27.03 5.90 -7.56
CA VAL A 115 -26.93 6.58 -6.29
C VAL A 115 -28.07 6.00 -5.52
N ALA A 116 -27.81 5.59 -4.28
CA ALA A 116 -28.84 4.99 -3.43
C ALA A 116 -29.45 6.06 -2.55
N LEU A 117 -30.73 5.92 -2.25
CA LEU A 117 -31.43 6.84 -1.35
C LEU A 117 -32.46 6.11 -0.47
N ASN A 118 -32.38 6.31 0.83
CA ASN A 118 -33.43 5.85 1.76
C ASN A 118 -34.44 6.99 1.98
N ARG A 119 -35.46 6.75 2.80
CA ARG A 119 -36.48 7.77 3.05
C ARG A 119 -35.99 8.96 3.92
N GLN A 120 -34.92 8.75 4.68
CA GLN A 120 -34.32 9.82 5.48
C GLN A 120 -33.92 10.99 4.59
N GLN A 121 -32.63 11.05 4.24
CA GLN A 121 -32.09 11.86 3.13
C GLN A 121 -33.08 12.19 2.00
N PHE A 122 -34.05 11.32 1.74
CA PHE A 122 -35.19 11.69 0.91
C PHE A 122 -35.92 12.90 1.51
N GLU A 123 -36.59 12.71 2.64
CA GLU A 123 -37.38 13.80 3.27
C GLU A 123 -36.52 14.93 3.88
N THR A 124 -35.29 14.62 4.29
CA THR A 124 -34.32 15.65 4.76
C THR A 124 -33.71 16.50 3.63
N LEU A 125 -34.21 16.35 2.40
CA LEU A 125 -33.70 17.12 1.26
C LEU A 125 -34.77 17.48 0.22
N SER A 126 -34.44 18.48 -0.59
CA SER A 126 -35.33 19.04 -1.62
C SER A 126 -34.67 19.00 -3.01
N PRO A 127 -35.49 19.06 -4.08
CA PRO A 127 -35.10 19.04 -5.50
C PRO A 127 -33.86 19.83 -5.98
N GLU A 128 -33.50 20.94 -5.34
CA GLU A 128 -32.30 21.71 -5.76
C GLU A 128 -31.00 20.98 -5.39
N GLU A 129 -31.09 20.12 -4.37
CA GLU A 129 -29.96 19.35 -3.87
C GLU A 129 -29.95 17.93 -4.46
N LEU A 130 -31.14 17.31 -4.56
CA LEU A 130 -31.38 16.03 -5.24
C LEU A 130 -30.90 15.95 -6.70
N VAL A 131 -31.00 17.06 -7.43
CA VAL A 131 -30.61 17.12 -8.84
C VAL A 131 -29.07 17.30 -8.98
N ALA A 132 -28.49 18.12 -8.10
CA ALA A 132 -27.02 18.23 -8.04
C ALA A 132 -26.43 16.86 -7.69
N CYS A 133 -27.15 16.11 -6.86
CA CYS A 133 -26.72 14.80 -6.37
C CYS A 133 -26.62 13.77 -7.49
N VAL A 134 -27.57 13.82 -8.39
CA VAL A 134 -27.60 12.91 -9.52
C VAL A 134 -26.91 13.51 -10.75
N ALA A 135 -26.66 14.80 -10.74
CA ALA A 135 -26.10 15.46 -11.92
C ALA A 135 -25.00 14.61 -12.55
N LYS A 136 -24.08 14.12 -11.72
CA LYS A 136 -22.95 13.32 -12.21
C LYS A 136 -23.35 12.05 -12.95
N LEU A 137 -24.63 11.65 -12.88
CA LEU A 137 -25.16 10.48 -13.59
C LEU A 137 -25.57 10.73 -15.04
N GLY A 138 -25.75 11.99 -15.40
CA GLY A 138 -26.21 12.36 -16.75
C GLY A 138 -27.66 12.04 -16.98
N LEU A 139 -28.05 12.03 -18.23
CA LEU A 139 -29.44 11.81 -18.56
C LEU A 139 -29.62 10.93 -19.79
N PRO A 140 -30.74 10.24 -19.87
CA PRO A 140 -31.78 10.09 -18.87
C PRO A 140 -31.39 9.06 -17.77
N LEU A 141 -32.34 8.78 -16.87
CA LEU A 141 -32.15 8.00 -15.65
C LEU A 141 -33.31 7.04 -15.41
N ILE A 142 -33.05 6.06 -14.54
CA ILE A 142 -34.02 5.08 -14.08
C ILE A 142 -34.11 5.18 -12.57
N VAL A 143 -35.33 5.28 -12.08
CA VAL A 143 -35.58 5.29 -10.68
C VAL A 143 -36.35 4.04 -10.33
N LYS A 144 -35.79 3.23 -9.44
CA LYS A 144 -36.47 2.03 -8.97
C LYS A 144 -36.25 1.80 -7.47
N PRO A 145 -37.09 0.93 -6.87
CA PRO A 145 -36.91 0.60 -5.45
C PRO A 145 -35.86 -0.49 -5.28
N SER A 146 -35.28 -0.61 -4.07
CA SER A 146 -34.24 -1.63 -3.84
C SER A 146 -34.79 -3.08 -3.92
N HIS A 147 -35.95 -3.35 -3.34
CA HIS A 147 -36.58 -4.69 -3.43
C HIS A 147 -37.75 -4.68 -4.44
N VAL A 152 -42.24 -3.49 -11.55
CA VAL A 152 -42.88 -3.08 -10.30
C VAL A 152 -42.58 -1.60 -9.91
N GLY A 153 -43.53 -0.71 -10.22
CA GLY A 153 -43.50 0.70 -9.78
C GLY A 153 -42.17 1.43 -9.99
N MET A 154 -41.63 1.41 -11.21
CA MET A 154 -40.43 2.18 -11.58
C MET A 154 -40.68 3.10 -12.77
N SER A 155 -39.77 4.06 -12.98
CA SER A 155 -39.92 5.08 -14.01
C SER A 155 -38.64 5.33 -14.77
N LYS A 156 -38.79 5.86 -15.98
CA LYS A 156 -37.69 6.47 -16.71
C LYS A 156 -37.85 7.96 -16.55
N VAL A 157 -36.74 8.67 -16.65
CA VAL A 157 -36.70 10.10 -16.32
C VAL A 157 -35.77 10.83 -17.30
N ASP A 158 -36.25 11.95 -17.86
CA ASP A 158 -35.58 12.61 -19.01
C ASP A 158 -34.88 13.93 -18.72
N HIS A 159 -35.40 14.69 -17.76
CA HIS A 159 -34.77 15.93 -17.33
C HIS A 159 -35.15 16.23 -15.89
N ALA A 160 -34.48 17.23 -15.33
CA ALA A 160 -34.47 17.46 -13.89
C ALA A 160 -35.80 17.80 -13.20
N SER A 161 -36.81 18.28 -13.94
CA SER A 161 -38.14 18.52 -13.34
C SER A 161 -38.84 17.18 -13.07
N GLU A 162 -38.66 16.23 -13.98
CA GLU A 162 -39.32 14.92 -13.91
C GLU A 162 -38.91 14.10 -12.66
N LEU A 163 -37.69 14.38 -12.13
CA LEU A 163 -37.11 13.61 -11.02
C LEU A 163 -37.97 13.55 -9.76
N GLN A 164 -38.08 14.68 -9.06
CA GLN A 164 -38.76 14.71 -7.77
C GLN A 164 -40.04 13.88 -7.83
N LYS A 165 -40.80 14.08 -8.89
CA LYS A 165 -42.07 13.37 -9.11
C LYS A 165 -41.87 11.88 -8.88
N ALA A 166 -41.02 11.26 -9.69
CA ALA A 166 -40.88 9.80 -9.71
C ALA A 166 -40.31 9.22 -8.42
N LEU A 167 -39.53 10.02 -7.71
CA LEU A 167 -38.95 9.57 -6.45
C LEU A 167 -40.05 9.17 -5.47
N VAL A 168 -41.08 10.00 -5.34
CA VAL A 168 -42.12 9.75 -4.34
C VAL A 168 -43.00 8.51 -4.65
N GLU A 169 -43.11 8.14 -5.92
CA GLU A 169 -43.93 6.95 -6.30
C GLU A 169 -43.17 5.68 -5.97
N ALA A 170 -41.84 5.79 -5.88
CA ALA A 170 -40.97 4.65 -5.59
C ALA A 170 -41.02 4.29 -4.10
N PHE A 171 -41.13 5.30 -3.23
CA PHE A 171 -41.26 5.05 -1.78
C PHE A 171 -42.63 4.48 -1.36
N GLN A 172 -43.54 4.33 -2.31
CA GLN A 172 -44.87 3.82 -2.06
C GLN A 172 -44.89 2.29 -1.88
N HIS A 173 -43.79 1.61 -2.22
CA HIS A 173 -43.63 0.19 -1.82
C HIS A 173 -42.17 -0.27 -1.59
N ASP A 174 -41.33 0.66 -1.11
CA ASP A 174 -39.97 0.37 -0.64
C ASP A 174 -39.34 1.57 0.10
N SER A 175 -38.32 1.32 0.93
CA SER A 175 -37.67 2.37 1.75
C SER A 175 -36.23 2.72 1.36
N ASP A 176 -35.60 1.89 0.53
CA ASP A 176 -34.34 2.24 -0.11
C ASP A 176 -34.52 2.14 -1.65
N VAL A 177 -34.02 3.17 -2.33
CA VAL A 177 -34.31 3.43 -3.73
C VAL A 177 -33.02 3.64 -4.52
N LEU A 178 -33.00 3.09 -5.72
CA LEU A 178 -31.87 3.24 -6.64
C LEU A 178 -32.20 4.17 -7.81
N ILE A 179 -31.26 5.07 -8.07
CA ILE A 179 -31.32 6.00 -9.19
C ILE A 179 -30.14 5.66 -10.09
N GLU A 180 -30.42 4.98 -11.19
CA GLU A 180 -29.38 4.45 -12.06
C GLU A 180 -29.31 5.27 -13.33
N LYS A 181 -28.10 5.43 -13.88
CA LYS A 181 -27.91 5.87 -15.26
C LYS A 181 -28.59 4.91 -16.26
N TRP A 182 -29.33 5.48 -17.22
CA TRP A 182 -30.02 4.69 -18.26
C TRP A 182 -29.01 4.21 -19.27
N LEU A 183 -29.16 2.94 -19.63
CA LEU A 183 -28.32 2.24 -20.59
C LEU A 183 -29.13 1.94 -21.88
N SER A 184 -28.43 1.96 -23.00
CA SER A 184 -29.06 1.96 -24.32
C SER A 184 -29.73 0.64 -24.61
N GLY A 185 -29.16 -0.42 -24.07
CA GLY A 185 -29.48 -1.76 -24.51
C GLY A 185 -28.41 -2.12 -25.51
N PRO A 186 -28.52 -3.30 -26.09
CA PRO A 186 -29.58 -4.26 -25.88
C PRO A 186 -29.41 -5.11 -24.60
N GLU A 187 -30.45 -5.87 -24.29
CA GLU A 187 -30.47 -6.68 -23.11
C GLU A 187 -30.19 -8.15 -23.47
N PHE A 188 -29.40 -8.83 -22.66
CA PHE A 188 -29.09 -10.23 -22.91
C PHE A 188 -29.37 -11.03 -21.64
N THR A 189 -29.38 -12.35 -21.76
CA THR A 189 -29.48 -13.21 -20.58
C THR A 189 -28.69 -14.49 -20.77
N VAL A 190 -28.09 -14.91 -19.68
CA VAL A 190 -27.14 -16.00 -19.70
C VAL A 190 -27.48 -17.01 -18.62
N ALA A 191 -27.75 -18.19 -19.06
CA ALA A 191 -28.13 -19.22 -18.19
C ALA A 191 -26.88 -19.96 -17.75
N ILE A 192 -26.88 -20.35 -16.49
CA ILE A 192 -25.80 -21.11 -15.94
C ILE A 192 -26.35 -22.41 -15.37
N LEU A 193 -25.66 -23.48 -15.69
CA LEU A 193 -26.06 -24.79 -15.29
C LEU A 193 -24.87 -25.49 -14.65
N GLY A 194 -24.88 -25.60 -13.34
CA GLY A 194 -23.66 -25.98 -12.62
C GLY A 194 -22.53 -24.97 -12.82
N ASP A 195 -21.49 -25.40 -13.50
CA ASP A 195 -20.38 -24.52 -13.95
C ASP A 195 -20.43 -24.13 -15.44
N GLU A 196 -21.32 -24.76 -16.20
CA GLU A 196 -21.42 -24.54 -17.61
C GLU A 196 -22.24 -23.27 -17.85
N VAL A 197 -21.70 -22.38 -18.65
CA VAL A 197 -22.42 -21.23 -19.15
C VAL A 197 -23.07 -21.60 -20.48
N LEU A 198 -24.36 -21.37 -20.64
CA LEU A 198 -24.99 -21.72 -21.90
C LEU A 198 -25.04 -20.50 -22.88
N PRO A 199 -25.47 -20.71 -24.13
CA PRO A 199 -25.59 -19.61 -25.09
C PRO A 199 -26.48 -18.50 -24.62
N SER A 200 -26.04 -17.28 -24.84
CA SER A 200 -26.82 -16.12 -24.47
C SER A 200 -28.00 -15.89 -25.42
N ILE A 201 -28.92 -15.05 -24.97
CA ILE A 201 -30.12 -14.78 -25.73
C ILE A 201 -30.36 -13.31 -25.64
N ARG A 202 -30.64 -12.70 -26.79
CA ARG A 202 -30.94 -11.31 -26.81
C ARG A 202 -32.42 -11.19 -26.60
N ILE A 203 -32.81 -10.17 -25.85
CA ILE A 203 -34.20 -9.95 -25.50
C ILE A 203 -34.53 -8.53 -25.89
N GLN A 204 -35.60 -8.35 -26.67
CA GLN A 204 -36.17 -7.01 -26.96
C GLN A 204 -37.63 -6.90 -26.45
N PRO A 205 -37.87 -6.08 -25.41
CA PRO A 205 -39.26 -5.75 -25.04
C PRO A 205 -39.82 -4.58 -25.89
N PRO A 206 -41.17 -4.47 -26.04
CA PRO A 206 -41.74 -3.32 -26.78
C PRO A 206 -41.44 -1.95 -26.16
N GLY A 207 -41.73 -1.78 -24.87
CA GLY A 207 -41.42 -0.54 -24.13
C GLY A 207 -40.00 -0.45 -23.59
N VAL A 208 -39.79 0.51 -22.69
CA VAL A 208 -38.46 0.76 -22.10
C VAL A 208 -38.00 -0.35 -21.12
N PHE A 209 -38.97 -1.00 -20.46
CA PHE A 209 -38.67 -2.02 -19.45
C PHE A 209 -38.97 -3.43 -19.95
N TYR A 210 -38.14 -4.37 -19.50
CA TYR A 210 -38.43 -5.81 -19.53
C TYR A 210 -39.04 -6.19 -18.16
N ASP A 211 -40.18 -5.58 -17.85
CA ASP A 211 -40.88 -5.77 -16.60
C ASP A 211 -41.77 -7.03 -16.66
N TYR A 212 -42.68 -7.18 -15.69
CA TYR A 212 -43.61 -8.32 -15.58
C TYR A 212 -43.92 -9.06 -16.89
N SER A 218 -47.78 -8.44 -22.02
CA SER A 218 -46.83 -9.50 -22.27
C SER A 218 -46.77 -9.91 -23.77
N ASP A 219 -47.21 -11.13 -24.10
CA ASP A 219 -46.91 -11.92 -25.36
C ASP A 219 -46.19 -11.37 -26.65
N LYS A 220 -46.00 -10.06 -26.78
CA LYS A 220 -45.26 -9.49 -27.94
C LYS A 220 -43.72 -9.70 -27.89
N THR A 221 -43.10 -9.51 -26.72
CA THR A 221 -41.64 -9.59 -26.53
C THR A 221 -40.92 -10.59 -27.45
N GLN A 222 -39.84 -10.13 -28.09
CA GLN A 222 -39.05 -10.97 -29.00
C GLN A 222 -37.74 -11.41 -28.35
N TYR A 223 -37.27 -12.59 -28.75
CA TYR A 223 -36.04 -13.20 -28.23
C TYR A 223 -35.24 -13.73 -29.38
N PHE A 224 -33.93 -13.69 -29.28
CA PHE A 224 -33.10 -14.12 -30.39
C PHE A 224 -32.05 -15.14 -29.93
N CYS A 225 -32.11 -16.35 -30.47
CA CYS A 225 -31.06 -17.33 -30.24
C CYS A 225 -30.59 -17.94 -31.57
N PRO A 226 -29.29 -17.78 -31.90
CA PRO A 226 -28.31 -17.02 -31.12
C PRO A 226 -28.61 -15.51 -31.01
N SER A 227 -27.78 -14.83 -30.23
CA SER A 227 -28.00 -13.45 -29.83
C SER A 227 -27.52 -12.41 -30.81
N GLY A 228 -26.63 -12.81 -31.74
CA GLY A 228 -26.11 -11.89 -32.73
C GLY A 228 -24.79 -11.22 -32.35
N LEU A 229 -24.33 -11.48 -31.13
CA LEU A 229 -22.98 -11.04 -30.72
C LEU A 229 -21.90 -11.72 -31.53
N SER A 230 -20.89 -10.95 -31.87
CA SER A 230 -19.62 -11.48 -32.35
C SER A 230 -19.15 -12.55 -31.40
N ASP A 231 -18.25 -13.40 -31.86
CA ASP A 231 -17.73 -14.46 -31.02
C ASP A 231 -16.99 -13.88 -29.82
N GLU A 232 -16.10 -12.89 -30.02
CA GLU A 232 -15.27 -12.30 -28.93
C GLU A 232 -16.15 -11.71 -27.86
N SER A 233 -17.26 -11.14 -28.31
CA SER A 233 -18.23 -10.53 -27.41
C SER A 233 -18.94 -11.52 -26.51
N GLU A 234 -19.24 -12.70 -27.05
CA GLU A 234 -19.88 -13.79 -26.30
C GLU A 234 -18.96 -14.44 -25.25
N GLN A 235 -17.66 -14.60 -25.50
CA GLN A 235 -16.76 -15.15 -24.47
C GLN A 235 -16.68 -14.13 -23.32
N GLN A 236 -16.65 -12.84 -23.65
CA GLN A 236 -16.55 -11.82 -22.60
C GLN A 236 -17.78 -11.84 -21.70
N LEU A 237 -18.93 -12.00 -22.33
CA LEU A 237 -20.21 -11.96 -21.65
C LEU A 237 -20.40 -13.23 -20.87
N ALA A 238 -19.94 -14.36 -21.40
CA ALA A 238 -19.98 -15.61 -20.68
C ALA A 238 -19.13 -15.60 -19.39
N ALA A 239 -17.89 -15.14 -19.51
CA ALA A 239 -16.98 -15.08 -18.36
C ALA A 239 -17.48 -14.11 -17.28
N LEU A 240 -17.89 -12.93 -17.68
CA LEU A 240 -18.52 -11.99 -16.77
C LEU A 240 -19.75 -12.61 -16.00
N ALA A 241 -20.62 -13.32 -16.73
CA ALA A 241 -21.83 -13.90 -16.16
C ALA A 241 -21.49 -14.87 -15.04
N LEU A 242 -20.50 -15.71 -15.31
CA LEU A 242 -20.09 -16.71 -14.39
C LEU A 242 -19.54 -16.06 -13.12
N GLN A 243 -18.79 -14.97 -13.32
CA GLN A 243 -18.18 -14.26 -12.20
C GLN A 243 -19.25 -13.62 -11.36
N ALA A 244 -20.24 -13.08 -12.04
CA ALA A 244 -21.32 -12.39 -11.36
C ALA A 244 -22.16 -13.38 -10.54
N TYR A 245 -22.25 -14.62 -11.02
CA TYR A 245 -23.04 -15.66 -10.38
C TYR A 245 -22.31 -16.23 -9.14
N HIS A 246 -21.05 -16.55 -9.28
CA HIS A 246 -20.21 -16.87 -8.13
C HIS A 246 -20.04 -15.75 -7.17
N ALA A 247 -20.03 -14.51 -7.64
CA ALA A 247 -19.95 -13.39 -6.72
C ALA A 247 -21.01 -13.39 -5.67
N LEU A 248 -22.24 -13.77 -6.06
CA LEU A 248 -23.31 -13.81 -5.09
C LEU A 248 -23.51 -15.19 -4.43
N ASP A 249 -22.57 -16.10 -4.66
CA ASP A 249 -22.57 -17.42 -4.04
C ASP A 249 -23.68 -18.32 -4.55
N CYS A 250 -24.05 -18.17 -5.80
CA CYS A 250 -25.10 -18.97 -6.37
C CYS A 250 -24.58 -20.35 -6.63
N SER A 251 -25.47 -21.30 -6.79
CA SER A 251 -25.09 -22.66 -7.17
C SER A 251 -26.32 -23.36 -7.73
N GLY A 252 -26.05 -24.56 -8.24
CA GLY A 252 -26.98 -25.32 -9.03
C GLY A 252 -27.21 -24.75 -10.42
N TRP A 253 -27.99 -23.67 -10.52
CA TRP A 253 -28.39 -23.15 -11.82
C TRP A 253 -28.99 -21.78 -11.62
N GLY A 254 -29.05 -20.98 -12.67
CA GLY A 254 -29.64 -19.66 -12.50
C GLY A 254 -29.55 -18.92 -13.80
N ARG A 255 -29.86 -17.63 -13.78
CA ARG A 255 -29.84 -16.91 -15.00
C ARG A 255 -29.35 -15.51 -14.63
N VAL A 256 -28.33 -15.05 -15.36
CA VAL A 256 -27.76 -13.70 -15.17
C VAL A 256 -28.27 -12.72 -16.27
N ASP A 257 -28.77 -11.55 -15.86
CA ASP A 257 -29.31 -10.56 -16.75
C ASP A 257 -28.29 -9.43 -16.89
N VAL A 258 -28.06 -9.04 -18.14
CA VAL A 258 -26.99 -8.15 -18.56
C VAL A 258 -27.44 -7.18 -19.67
N MET A 259 -26.94 -5.96 -19.60
CA MET A 259 -27.29 -4.96 -20.58
C MET A 259 -26.07 -4.26 -21.14
N GLN A 260 -26.06 -4.01 -22.44
CA GLN A 260 -25.01 -3.17 -23.04
C GLN A 260 -25.41 -1.72 -22.93
N ASP A 261 -24.41 -0.86 -22.98
CA ASP A 261 -24.66 0.57 -23.17
C ASP A 261 -24.12 0.98 -24.54
N ARG A 262 -24.40 2.21 -24.91
CA ARG A 262 -24.03 2.80 -26.18
C ARG A 262 -22.59 2.46 -26.57
N ASP A 263 -21.66 2.49 -25.61
CA ASP A 263 -20.26 2.12 -25.77
C ASP A 263 -19.99 0.65 -26.09
N GLY A 264 -21.01 -0.21 -26.06
CA GLY A 264 -20.84 -1.64 -26.30
C GLY A 264 -20.41 -2.49 -25.10
N HIS A 265 -19.95 -1.88 -24.01
CA HIS A 265 -19.70 -2.67 -22.79
C HIS A 265 -20.98 -3.26 -22.08
N PHE A 266 -20.76 -4.40 -21.42
CA PHE A 266 -21.74 -5.10 -20.59
C PHE A 266 -21.78 -4.62 -19.15
N TYR A 267 -22.99 -4.50 -18.62
CA TYR A 267 -23.27 -4.12 -17.22
C TYR A 267 -24.25 -5.13 -16.58
N LEU A 268 -24.04 -5.45 -15.32
CA LEU A 268 -24.83 -6.47 -14.66
C LEU A 268 -26.05 -5.80 -14.10
N LEU A 269 -27.19 -6.45 -14.28
CA LEU A 269 -28.44 -6.00 -13.68
C LEU A 269 -28.80 -6.86 -12.50
N GLU A 270 -28.86 -8.18 -12.70
CA GLU A 270 -29.49 -9.09 -11.72
C GLU A 270 -29.19 -10.57 -12.02
N VAL A 271 -29.25 -11.41 -10.99
CA VAL A 271 -29.23 -12.85 -11.17
C VAL A 271 -30.53 -13.38 -10.67
N ASN A 272 -31.11 -14.30 -11.41
CA ASN A 272 -32.45 -14.82 -11.05
C ASN A 272 -32.21 -16.21 -10.55
N THR A 273 -32.57 -16.47 -9.32
CA THR A 273 -32.25 -17.79 -8.75
C THR A 273 -33.33 -18.87 -8.86
N SER A 274 -34.44 -18.60 -9.55
CA SER A 274 -35.45 -19.73 -9.85
C SER A 274 -36.19 -19.60 -11.20
N PRO A 275 -35.43 -19.68 -12.30
CA PRO A 275 -35.99 -19.19 -13.56
C PRO A 275 -37.17 -20.02 -14.03
N GLY A 276 -37.94 -19.41 -14.92
CA GLY A 276 -39.08 -20.06 -15.60
C GLY A 276 -38.63 -21.28 -16.35
N MET A 277 -39.45 -22.31 -16.33
CA MET A 277 -39.19 -23.52 -17.08
C MET A 277 -40.40 -23.91 -17.94
N THR A 278 -41.12 -22.93 -18.48
CA THR A 278 -42.16 -23.24 -19.48
C THR A 278 -41.41 -23.57 -20.76
N SER A 279 -42.12 -24.23 -21.69
CA SER A 279 -41.62 -24.49 -23.04
C SER A 279 -41.17 -23.19 -23.71
N HIS A 280 -41.84 -22.08 -23.41
CA HIS A 280 -41.48 -20.77 -23.95
C HIS A 280 -40.43 -19.97 -23.13
N SER A 281 -39.88 -20.54 -22.06
CA SER A 281 -38.98 -19.80 -21.13
C SER A 281 -37.50 -19.73 -21.56
N LEU A 282 -36.76 -18.82 -20.93
CA LEU A 282 -35.37 -18.51 -21.33
C LEU A 282 -34.38 -19.65 -21.16
N VAL A 283 -34.35 -20.29 -19.99
CA VAL A 283 -33.37 -21.34 -19.73
C VAL A 283 -33.49 -22.51 -20.72
N PRO A 284 -34.70 -23.09 -20.89
CA PRO A 284 -34.91 -24.19 -21.86
C PRO A 284 -34.57 -23.79 -23.30
N MET A 285 -34.91 -22.60 -23.68
CA MET A 285 -34.47 -22.10 -24.98
C MET A 285 -32.92 -22.04 -25.07
N ALA A 286 -32.26 -21.62 -24.00
CA ALA A 286 -30.80 -21.60 -23.98
C ALA A 286 -30.27 -23.01 -24.06
N ALA A 287 -30.91 -23.92 -23.34
CA ALA A 287 -30.41 -25.32 -23.25
C ALA A 287 -30.51 -26.09 -24.56
N ARG A 288 -31.57 -25.78 -25.31
CA ARG A 288 -31.90 -26.51 -26.54
C ARG A 288 -30.85 -26.07 -27.51
N GLN A 289 -30.58 -24.77 -27.54
CA GLN A 289 -29.44 -24.24 -28.30
C GLN A 289 -28.03 -24.76 -27.93
N TYR A 290 -27.76 -25.00 -26.66
CA TYR A 290 -26.51 -25.66 -26.23
C TYR A 290 -26.53 -27.11 -26.59
N GLY A 291 -27.70 -27.62 -26.97
CA GLY A 291 -27.79 -28.99 -27.47
C GLY A 291 -28.42 -29.99 -26.51
N LEU A 292 -29.09 -29.51 -25.46
CA LEU A 292 -29.73 -30.38 -24.46
C LEU A 292 -31.22 -30.47 -24.57
N SER A 293 -31.77 -31.67 -24.45
CA SER A 293 -33.24 -31.82 -24.40
C SER A 293 -33.77 -31.29 -23.04
N PHE A 294 -35.06 -30.98 -23.00
CA PHE A 294 -35.66 -30.43 -21.79
C PHE A 294 -35.45 -31.44 -20.66
N SER A 295 -35.61 -32.70 -21.02
CA SER A 295 -35.54 -33.76 -20.07
C SER A 295 -34.16 -33.83 -19.46
N GLN A 296 -33.14 -33.66 -20.31
CA GLN A 296 -31.75 -33.69 -19.81
C GLN A 296 -31.48 -32.49 -18.95
N LEU A 297 -31.95 -31.32 -19.39
CA LEU A 297 -31.85 -30.12 -18.52
C LEU A 297 -32.33 -30.37 -17.06
N VAL A 298 -33.50 -30.99 -16.90
CA VAL A 298 -34.07 -31.06 -15.54
C VAL A 298 -33.42 -32.17 -14.74
N ALA A 299 -33.04 -33.24 -15.43
CA ALA A 299 -32.29 -34.32 -14.77
C ALA A 299 -30.90 -33.81 -14.28
N ARG A 300 -30.30 -32.92 -15.05
CA ARG A 300 -29.02 -32.30 -14.69
C ARG A 300 -29.15 -31.39 -13.47
N ILE A 301 -30.11 -30.45 -13.52
CA ILE A 301 -30.38 -29.58 -12.36
C ILE A 301 -30.61 -30.37 -11.10
N LEU A 302 -31.27 -31.50 -11.24
CA LEU A 302 -31.57 -32.32 -10.09
C LEU A 302 -30.32 -33.01 -9.61
N MET A 303 -29.52 -33.50 -10.55
CA MET A 303 -28.22 -34.09 -10.21
C MET A 303 -27.39 -33.11 -9.41
N LEU A 304 -27.46 -31.81 -9.71
CA LEU A 304 -26.66 -30.77 -8.99
C LEU A 304 -27.16 -30.39 -7.62
N ALA A 305 -27.98 -31.22 -7.00
CA ALA A 305 -28.51 -30.93 -5.69
C ALA A 305 -27.88 -31.88 -4.69
N ASP A 306 -26.90 -31.41 -3.93
CA ASP A 306 -26.09 -32.35 -3.12
C ASP A 306 -26.78 -32.46 -1.76
N MET B 1 -57.89 -11.57 24.43
CA MET B 1 -56.55 -12.16 24.07
C MET B 1 -55.40 -11.34 24.63
N ALA B 2 -54.44 -12.05 25.23
CA ALA B 2 -53.07 -11.56 25.32
C ALA B 2 -52.31 -12.40 24.28
N GLU B 3 -51.52 -11.76 23.42
CA GLU B 3 -50.66 -12.50 22.49
C GLU B 3 -49.91 -13.52 23.27
N LYS B 4 -49.83 -14.74 22.77
CA LYS B 4 -49.01 -15.79 23.39
C LYS B 4 -47.65 -15.81 22.70
N VAL B 5 -46.58 -15.80 23.48
CA VAL B 5 -45.23 -15.62 22.94
C VAL B 5 -44.34 -16.79 23.25
N ALA B 6 -43.73 -17.35 22.20
CA ALA B 6 -42.70 -18.40 22.36
C ALA B 6 -41.30 -17.85 22.43
N VAL B 7 -40.60 -18.12 23.53
CA VAL B 7 -39.13 -17.88 23.56
C VAL B 7 -38.49 -19.17 23.11
N LEU B 8 -37.90 -19.16 21.92
CA LEU B 8 -37.17 -20.28 21.37
C LEU B 8 -35.78 -20.33 21.96
N LEU B 9 -35.45 -21.48 22.51
CA LEU B 9 -34.19 -21.64 23.25
C LEU B 9 -33.68 -23.06 23.08
N GLY B 10 -32.41 -23.23 23.40
CA GLY B 10 -31.74 -24.53 23.32
C GLY B 10 -31.25 -24.86 21.94
N GLY B 11 -32.05 -25.63 21.20
CA GLY B 11 -31.66 -26.09 19.87
C GLY B 11 -30.64 -27.21 19.88
N THR B 12 -30.07 -27.46 18.71
CA THR B 12 -29.17 -28.59 18.54
C THR B 12 -27.78 -28.15 18.12
N SER B 13 -27.46 -26.87 18.26
CA SER B 13 -26.18 -26.37 17.79
C SER B 13 -25.14 -26.29 18.91
N ALA B 14 -23.90 -26.04 18.53
CA ALA B 14 -22.80 -25.98 19.50
C ALA B 14 -23.11 -25.04 20.67
N GLU B 15 -23.94 -24.03 20.38
CA GLU B 15 -24.22 -22.97 21.32
C GLU B 15 -25.40 -23.29 22.23
N ARG B 16 -25.96 -24.49 22.12
CA ARG B 16 -27.09 -24.91 22.97
C ARG B 16 -27.07 -24.50 24.45
N GLU B 17 -25.95 -24.64 25.14
CA GLU B 17 -26.00 -24.50 26.61
C GLU B 17 -26.10 -23.04 26.97
N VAL B 18 -25.36 -22.22 26.21
CA VAL B 18 -25.52 -20.74 26.24
C VAL B 18 -26.97 -20.32 25.92
N SER B 19 -27.57 -20.92 24.87
CA SER B 19 -28.96 -20.64 24.47
C SER B 19 -30.01 -20.96 25.52
N LEU B 20 -29.83 -22.05 26.27
CA LEU B 20 -30.72 -22.36 27.40
C LEU B 20 -30.67 -21.28 28.45
N LEU B 21 -29.48 -20.80 28.77
CA LEU B 21 -29.43 -19.63 29.67
C LEU B 21 -30.04 -18.32 29.11
N SER B 22 -29.79 -18.01 27.85
CA SER B 22 -30.35 -16.80 27.22
C SER B 22 -31.87 -16.87 27.34
N GLY B 23 -32.38 -18.05 27.02
CA GLY B 23 -33.79 -18.22 26.88
C GLY B 23 -34.48 -18.19 28.23
N GLN B 24 -33.79 -18.72 29.24
CA GLN B 24 -34.28 -18.70 30.61
C GLN B 24 -34.34 -17.28 31.10
N ALA B 25 -33.29 -16.49 30.82
CA ALA B 25 -33.34 -15.08 31.19
C ALA B 25 -34.46 -14.36 30.42
N VAL B 26 -34.57 -14.56 29.10
CA VAL B 26 -35.54 -13.78 28.34
C VAL B 26 -36.94 -14.11 28.84
N LEU B 27 -37.19 -15.41 29.03
CA LEU B 27 -38.45 -15.89 29.62
C LEU B 27 -38.82 -15.09 30.89
N ALA B 28 -37.86 -14.93 31.78
CA ALA B 28 -38.15 -14.32 33.07
C ALA B 28 -38.37 -12.83 32.90
N GLY B 29 -37.68 -12.22 31.97
CA GLY B 29 -37.80 -10.78 31.75
C GLY B 29 -39.11 -10.41 31.06
N LEU B 30 -39.56 -11.21 30.09
CA LEU B 30 -40.86 -10.99 29.45
C LEU B 30 -42.00 -11.19 30.43
N LYS B 31 -41.87 -12.14 31.33
CA LYS B 31 -42.91 -12.29 32.31
C LYS B 31 -42.95 -11.12 33.27
N GLU B 32 -41.80 -10.67 33.75
CA GLU B 32 -41.77 -9.48 34.61
C GLU B 32 -42.47 -8.30 33.92
N ALA B 33 -42.36 -8.17 32.60
CA ALA B 33 -42.98 -7.02 31.92
C ALA B 33 -44.49 -7.21 31.61
N GLY B 34 -45.07 -8.35 31.90
CA GLY B 34 -46.50 -8.54 31.79
C GLY B 34 -46.92 -9.35 30.58
N ILE B 35 -45.91 -9.97 29.93
CA ILE B 35 -46.08 -10.62 28.65
C ILE B 35 -46.35 -12.12 28.90
N ASP B 36 -47.25 -12.68 28.11
CA ASP B 36 -47.62 -14.07 28.25
C ASP B 36 -46.66 -15.02 27.48
N ALA B 37 -45.50 -15.27 28.08
CA ALA B 37 -44.43 -15.96 27.39
C ALA B 37 -44.29 -17.40 27.85
N TYR B 38 -43.90 -18.30 26.92
CA TYR B 38 -43.61 -19.70 27.22
C TYR B 38 -42.28 -20.09 26.58
N GLY B 39 -41.43 -20.75 27.37
CA GLY B 39 -40.20 -21.33 26.88
C GLY B 39 -40.47 -22.50 25.96
N VAL B 40 -39.72 -22.60 24.89
CA VAL B 40 -39.88 -23.68 23.92
C VAL B 40 -38.51 -24.20 23.49
N ASP B 41 -38.13 -25.35 24.04
CA ASP B 41 -36.86 -26.01 23.69
C ASP B 41 -37.05 -26.67 22.35
N THR B 42 -36.42 -26.09 21.32
CA THR B 42 -36.68 -26.52 19.96
C THR B 42 -35.91 -27.79 19.66
N LYS B 43 -35.10 -28.30 20.60
CA LYS B 43 -34.61 -29.66 20.48
C LYS B 43 -35.79 -30.65 20.55
N ASP B 44 -36.79 -30.32 21.37
CA ASP B 44 -37.94 -31.16 21.64
C ASP B 44 -39.16 -30.76 20.85
N PHE B 45 -39.27 -29.49 20.48
CA PHE B 45 -40.48 -28.99 19.85
C PHE B 45 -40.08 -28.52 18.46
N PRO B 46 -40.80 -28.94 17.40
CA PRO B 46 -40.20 -28.71 16.08
C PRO B 46 -39.90 -27.23 15.76
N VAL B 47 -40.92 -26.42 15.59
CA VAL B 47 -40.86 -24.94 15.27
C VAL B 47 -41.75 -24.73 14.09
N THR B 48 -41.86 -25.75 13.23
CA THR B 48 -42.91 -25.82 12.20
C THR B 48 -44.32 -25.94 12.77
N GLN B 49 -44.44 -26.31 14.04
CA GLN B 49 -45.74 -26.39 14.68
C GLN B 49 -46.11 -25.20 15.56
N LEU B 50 -45.34 -24.11 15.53
CA LEU B 50 -45.64 -23.02 16.47
C LEU B 50 -47.00 -22.33 16.23
N LYS B 51 -47.41 -22.18 14.98
CA LYS B 51 -48.73 -21.60 14.70
C LYS B 51 -49.84 -22.54 15.23
N GLU B 52 -49.70 -23.82 14.93
CA GLU B 52 -50.67 -24.84 15.34
C GLU B 52 -50.86 -24.93 16.85
N GLN B 53 -49.79 -24.74 17.60
CA GLN B 53 -49.87 -24.79 19.04
C GLN B 53 -50.38 -23.48 19.62
N GLY B 54 -50.70 -22.49 18.80
CA GLY B 54 -51.35 -21.26 19.30
C GLY B 54 -50.46 -20.05 19.58
N PHE B 55 -49.17 -20.13 19.25
CA PHE B 55 -48.32 -18.97 19.43
C PHE B 55 -48.56 -17.89 18.37
N ASP B 56 -48.44 -16.64 18.80
CA ASP B 56 -48.72 -15.45 18.03
C ASP B 56 -47.48 -14.62 17.65
N LYS B 57 -46.41 -14.76 18.43
CA LYS B 57 -45.20 -13.97 18.32
C LYS B 57 -44.05 -14.87 18.79
N VAL B 58 -42.86 -14.65 18.25
CA VAL B 58 -41.68 -15.46 18.60
C VAL B 58 -40.50 -14.54 18.96
N PHE B 59 -39.90 -14.80 20.10
CA PHE B 59 -38.67 -14.20 20.54
C PHE B 59 -37.60 -15.25 20.32
N ILE B 60 -36.64 -14.95 19.46
CA ILE B 60 -35.59 -15.86 19.18
C ILE B 60 -34.42 -15.70 20.15
N ALA B 61 -34.17 -16.72 20.98
CA ALA B 61 -33.01 -16.76 21.86
C ALA B 61 -32.07 -17.91 21.50
N LEU B 62 -32.23 -18.45 20.29
CA LEU B 62 -31.29 -19.44 19.73
C LEU B 62 -30.03 -18.75 19.23
N HIS B 63 -28.90 -19.48 19.28
CA HIS B 63 -27.61 -18.99 18.78
C HIS B 63 -27.00 -19.99 17.79
N GLY B 64 -26.16 -19.49 16.88
CA GLY B 64 -25.54 -20.33 15.88
C GLY B 64 -26.44 -20.92 14.82
N ARG B 65 -25.99 -22.05 14.29
CA ARG B 65 -26.62 -22.70 13.16
C ARG B 65 -28.07 -23.05 13.50
N GLY B 66 -29.01 -22.68 12.61
CA GLY B 66 -30.43 -22.89 12.85
C GLY B 66 -31.05 -21.82 13.69
N GLY B 67 -30.30 -20.82 14.09
CA GLY B 67 -30.86 -19.75 14.93
C GLY B 67 -30.65 -18.33 14.41
N GLU B 68 -29.43 -18.06 14.02
CA GLU B 68 -29.02 -16.73 13.62
C GLU B 68 -28.55 -16.61 12.16
N ASP B 69 -28.89 -17.66 11.37
CA ASP B 69 -28.37 -17.86 10.01
C ASP B 69 -29.41 -17.81 8.90
N GLY B 70 -30.64 -17.46 9.23
CA GLY B 70 -31.66 -17.28 8.24
C GLY B 70 -32.55 -18.49 7.99
N THR B 71 -32.18 -19.68 8.45
CA THR B 71 -33.00 -20.83 8.22
C THR B 71 -34.23 -20.76 9.12
N LEU B 72 -34.03 -20.56 10.41
CA LEU B 72 -35.15 -20.35 11.32
C LEU B 72 -36.03 -19.21 10.83
N GLN B 73 -35.40 -18.10 10.44
CA GLN B 73 -36.11 -16.92 10.00
C GLN B 73 -37.00 -17.24 8.79
N GLY B 74 -36.52 -18.10 7.91
CA GLY B 74 -37.27 -18.55 6.76
C GLY B 74 -38.50 -19.34 7.13
N VAL B 75 -38.37 -20.22 8.12
CA VAL B 75 -39.49 -20.98 8.63
C VAL B 75 -40.58 -20.08 9.18
N LEU B 76 -40.18 -19.00 9.87
CA LEU B 76 -41.13 -18.16 10.57
C LEU B 76 -41.79 -17.21 9.61
N GLU B 77 -41.06 -16.81 8.58
CA GLU B 77 -41.63 -16.07 7.47
C GLU B 77 -42.68 -16.92 6.81
N PHE B 78 -42.44 -18.23 6.63
CA PHE B 78 -43.43 -19.06 5.95
C PHE B 78 -44.68 -19.27 6.81
N LEU B 79 -44.52 -19.41 8.13
CA LEU B 79 -45.65 -19.53 9.06
C LEU B 79 -46.27 -18.18 9.33
N GLN B 80 -45.57 -17.12 8.93
CA GLN B 80 -46.06 -15.75 9.07
C GLN B 80 -46.20 -15.32 10.50
N LEU B 81 -45.36 -15.83 11.38
CA LEU B 81 -45.29 -15.26 12.70
C LEU B 81 -44.30 -14.10 12.76
N PRO B 82 -44.73 -12.97 13.33
CA PRO B 82 -43.78 -11.98 13.67
C PRO B 82 -42.69 -12.51 14.66
N TYR B 83 -41.44 -12.07 14.46
CA TYR B 83 -40.35 -12.54 15.26
C TYR B 83 -39.28 -11.46 15.52
N THR B 84 -38.48 -11.66 16.57
CA THR B 84 -37.49 -10.67 16.97
C THR B 84 -36.27 -10.78 16.09
N GLY B 85 -35.50 -9.71 15.96
CA GLY B 85 -34.23 -9.83 15.23
C GLY B 85 -34.34 -9.63 13.73
N SER B 86 -33.20 -9.72 13.05
CA SER B 86 -33.14 -9.52 11.59
C SER B 86 -33.87 -10.58 10.74
N GLY B 87 -34.32 -10.18 9.56
CA GLY B 87 -34.88 -11.09 8.59
C GLY B 87 -33.92 -12.10 7.93
N VAL B 88 -34.43 -12.79 6.94
CA VAL B 88 -33.69 -13.85 6.27
C VAL B 88 -32.36 -13.37 5.69
N MET B 89 -32.40 -12.24 5.05
CA MET B 89 -31.31 -11.85 4.22
C MET B 89 -30.19 -11.40 5.12
N ALA B 90 -30.52 -10.54 6.04
CA ALA B 90 -29.53 -10.05 6.98
C ALA B 90 -28.94 -11.17 7.90
N SER B 91 -29.77 -12.10 8.36
CA SER B 91 -29.29 -13.16 9.23
C SER B 91 -28.29 -14.02 8.50
N ALA B 92 -28.56 -14.29 7.21
CA ALA B 92 -27.67 -15.16 6.41
C ALA B 92 -26.40 -14.42 5.97
N LEU B 93 -26.58 -13.20 5.46
CA LEU B 93 -25.48 -12.36 5.03
C LEU B 93 -24.43 -12.24 6.12
N THR B 94 -24.83 -11.87 7.33
CA THR B 94 -23.92 -11.74 8.42
C THR B 94 -23.10 -12.99 8.79
N MET B 95 -23.46 -14.16 8.29
CA MET B 95 -22.66 -15.37 8.49
C MET B 95 -21.62 -15.57 7.42
N ASP B 96 -21.68 -14.78 6.34
CA ASP B 96 -20.70 -14.79 5.25
C ASP B 96 -19.71 -13.62 5.44
N LYS B 97 -18.58 -13.92 6.04
CA LYS B 97 -17.66 -12.85 6.32
C LYS B 97 -17.17 -12.21 5.03
N LEU B 98 -16.97 -12.97 4.00
CA LEU B 98 -16.48 -12.38 2.73
C LEU B 98 -17.48 -11.36 2.22
N ARG B 99 -18.76 -11.73 2.13
CA ARG B 99 -19.71 -10.83 1.50
C ARG B 99 -20.12 -9.68 2.37
N THR B 100 -20.10 -9.91 3.69
CA THR B 100 -20.24 -8.80 4.65
C THR B 100 -19.18 -7.73 4.31
N LYS B 101 -17.97 -8.19 4.07
CA LYS B 101 -16.87 -7.30 3.86
C LYS B 101 -17.06 -6.56 2.56
N LEU B 102 -17.41 -7.29 1.52
CA LEU B 102 -17.59 -6.68 0.25
C LEU B 102 -18.63 -5.61 0.33
N VAL B 103 -19.75 -5.86 1.00
CA VAL B 103 -20.76 -4.82 1.10
C VAL B 103 -20.22 -3.58 1.78
N TRP B 104 -19.53 -3.73 2.89
CA TRP B 104 -18.98 -2.60 3.66
C TRP B 104 -17.93 -1.79 2.87
N GLN B 105 -17.11 -2.49 2.17
CA GLN B 105 -16.08 -1.90 1.39
C GLN B 105 -16.71 -1.00 0.34
N ALA B 106 -17.74 -1.50 -0.37
CA ALA B 106 -18.35 -0.71 -1.43
C ALA B 106 -19.01 0.51 -0.91
N LEU B 107 -19.44 0.51 0.34
CA LEU B 107 -19.99 1.73 0.94
C LEU B 107 -18.88 2.64 1.52
N GLY B 108 -17.63 2.27 1.33
CA GLY B 108 -16.50 2.98 1.93
C GLY B 108 -16.37 2.84 3.43
N LEU B 109 -16.94 1.79 4.00
CA LEU B 109 -16.88 1.60 5.42
C LEU B 109 -15.57 0.87 5.72
N PRO B 110 -14.92 1.21 6.81
CA PRO B 110 -13.56 0.71 7.10
C PRO B 110 -13.48 -0.77 7.53
N ILE B 111 -12.71 -1.56 6.79
CA ILE B 111 -12.36 -2.90 7.18
C ILE B 111 -10.86 -3.16 7.04
N SER B 112 -10.39 -4.22 7.69
CA SER B 112 -9.00 -4.53 7.71
C SER B 112 -8.57 -4.94 6.30
N PRO B 113 -7.32 -4.65 5.89
CA PRO B 113 -6.93 -5.17 4.58
C PRO B 113 -6.95 -6.67 4.60
N TYR B 114 -7.40 -7.29 3.50
CA TYR B 114 -7.51 -8.75 3.46
C TYR B 114 -7.34 -9.30 2.05
N VAL B 115 -7.15 -10.60 1.97
CA VAL B 115 -7.24 -11.34 0.73
C VAL B 115 -8.18 -12.53 0.96
N ALA B 116 -8.94 -12.82 -0.07
CA ALA B 116 -9.89 -13.93 -0.07
C ALA B 116 -9.34 -14.98 -1.01
N LEU B 117 -9.54 -16.23 -0.65
CA LEU B 117 -8.99 -17.34 -1.40
C LEU B 117 -9.98 -18.47 -1.36
N ASN B 118 -10.28 -19.02 -2.53
CA ASN B 118 -11.14 -20.21 -2.65
C ASN B 118 -10.30 -21.44 -2.84
N ARG B 119 -10.92 -22.60 -2.71
CA ARG B 119 -10.23 -23.86 -2.79
C ARG B 119 -9.56 -24.07 -4.14
N GLN B 120 -10.15 -23.58 -5.22
CA GLN B 120 -9.54 -23.83 -6.53
C GLN B 120 -8.20 -23.13 -6.62
N GLN B 121 -8.09 -21.95 -6.02
CA GLN B 121 -6.82 -21.19 -6.05
C GLN B 121 -5.77 -21.84 -5.17
N PHE B 122 -6.20 -22.29 -4.01
CA PHE B 122 -5.35 -23.07 -3.10
C PHE B 122 -4.77 -24.34 -3.73
N GLU B 123 -5.57 -24.98 -4.58
CA GLU B 123 -5.16 -26.18 -5.29
C GLU B 123 -4.12 -25.84 -6.36
N THR B 124 -4.40 -24.84 -7.19
CA THR B 124 -3.51 -24.41 -8.31
C THR B 124 -2.11 -23.85 -7.92
N LEU B 125 -1.93 -23.41 -6.67
CA LEU B 125 -0.83 -22.47 -6.38
C LEU B 125 0.15 -23.00 -5.33
N SER B 126 1.43 -22.73 -5.55
CA SER B 126 2.51 -23.17 -4.66
C SER B 126 2.54 -22.28 -3.41
N PRO B 127 2.91 -22.88 -2.22
CA PRO B 127 3.09 -22.22 -0.92
C PRO B 127 3.78 -20.87 -0.98
N GLU B 128 4.76 -20.77 -1.88
CA GLU B 128 5.54 -19.55 -2.06
C GLU B 128 4.72 -18.52 -2.82
N GLU B 129 4.08 -18.93 -3.91
CA GLU B 129 3.15 -18.07 -4.64
C GLU B 129 2.02 -17.54 -3.73
N LEU B 130 1.61 -18.36 -2.76
CA LEU B 130 0.65 -17.95 -1.72
C LEU B 130 1.23 -16.85 -0.83
N VAL B 131 2.39 -17.14 -0.21
CA VAL B 131 3.12 -16.13 0.56
C VAL B 131 3.24 -14.83 -0.25
N ALA B 132 3.36 -14.94 -1.56
CA ALA B 132 3.44 -13.76 -2.40
C ALA B 132 2.09 -13.01 -2.49
N CYS B 133 0.96 -13.74 -2.58
CA CYS B 133 -0.39 -13.09 -2.58
C CYS B 133 -0.64 -12.25 -1.33
N VAL B 134 -0.23 -12.77 -0.17
CA VAL B 134 -0.49 -12.08 1.10
C VAL B 134 0.64 -11.23 1.66
N ALA B 135 1.67 -10.97 0.87
CA ALA B 135 2.81 -10.17 1.34
C ALA B 135 2.45 -8.75 1.69
N LYS B 136 1.63 -8.13 0.84
CA LYS B 136 1.22 -6.74 0.98
C LYS B 136 0.47 -6.47 2.29
N LEU B 137 0.05 -7.54 2.96
CA LEU B 137 -0.63 -7.50 4.26
C LEU B 137 0.31 -7.47 5.47
N GLY B 138 1.61 -7.75 5.28
CA GLY B 138 2.54 -7.77 6.37
C GLY B 138 2.28 -8.91 7.32
N LEU B 139 2.88 -8.84 8.51
CA LEU B 139 2.65 -9.85 9.58
C LEU B 139 2.45 -9.15 10.93
N PRO B 140 1.83 -9.82 11.90
CA PRO B 140 1.16 -11.08 11.77
C PRO B 140 -0.15 -11.01 10.95
N LEU B 141 -0.71 -12.20 10.71
CA LEU B 141 -1.89 -12.42 9.89
C LEU B 141 -2.93 -13.25 10.65
N ILE B 142 -4.21 -13.09 10.26
CA ILE B 142 -5.30 -13.89 10.78
C ILE B 142 -5.91 -14.65 9.64
N VAL B 143 -6.10 -15.95 9.85
CA VAL B 143 -6.63 -16.85 8.85
C VAL B 143 -7.94 -17.45 9.37
N LYS B 144 -9.03 -17.22 8.63
CA LYS B 144 -10.36 -17.72 9.01
C LYS B 144 -11.09 -18.30 7.83
N PRO B 145 -11.82 -19.39 8.07
CA PRO B 145 -12.82 -19.75 7.05
C PRO B 145 -13.80 -18.58 6.87
N SER B 146 -14.36 -18.44 5.68
CA SER B 146 -15.28 -17.34 5.41
C SER B 146 -16.65 -17.47 6.10
N HIS B 147 -17.02 -18.69 6.50
CA HIS B 147 -18.37 -18.94 7.07
C HIS B 147 -18.45 -19.19 8.61
N GLU B 148 -18.96 -18.16 9.31
CA GLU B 148 -19.32 -18.24 10.72
C GLU B 148 -20.23 -19.45 10.92
N SER B 151 -14.48 -19.76 16.52
CA SER B 151 -13.10 -19.56 16.03
C SER B 151 -12.55 -20.87 15.46
N VAL B 152 -13.48 -21.69 14.97
CA VAL B 152 -13.17 -22.98 14.37
C VAL B 152 -12.39 -22.73 13.08
N GLY B 153 -11.19 -23.34 12.99
CA GLY B 153 -10.30 -23.20 11.82
C GLY B 153 -9.54 -21.86 11.72
N MET B 154 -9.60 -21.07 12.79
CA MET B 154 -8.99 -19.75 12.80
C MET B 154 -7.55 -19.83 13.35
N SER B 155 -6.58 -19.20 12.69
CA SER B 155 -5.19 -19.20 13.16
C SER B 155 -4.53 -17.83 13.08
N LYS B 156 -3.73 -17.52 14.08
CA LYS B 156 -2.80 -16.41 14.01
C LYS B 156 -1.46 -16.90 13.50
N VAL B 157 -1.03 -16.34 12.37
CA VAL B 157 0.18 -16.66 11.65
C VAL B 157 1.26 -15.52 11.77
N ASP B 158 2.42 -15.83 12.39
CA ASP B 158 3.49 -14.80 12.65
C ASP B 158 4.65 -14.80 11.68
N HIS B 159 4.89 -15.90 11.01
CA HIS B 159 6.02 -16.01 10.10
C HIS B 159 5.44 -16.62 8.84
N ALA B 160 5.95 -16.25 7.68
CA ALA B 160 5.40 -16.71 6.39
C ALA B 160 5.35 -18.23 6.20
N SER B 161 6.29 -18.94 6.81
CA SER B 161 6.34 -20.41 6.75
C SER B 161 5.26 -21.12 7.58
N GLU B 162 4.55 -20.40 8.46
CA GLU B 162 3.35 -20.97 9.12
C GLU B 162 2.05 -20.87 8.26
N LEU B 163 2.09 -20.19 7.11
CA LEU B 163 0.88 -19.90 6.31
C LEU B 163 0.17 -21.15 5.76
N GLN B 164 0.91 -21.99 5.05
CA GLN B 164 0.37 -23.22 4.50
C GLN B 164 -0.46 -23.96 5.52
N LYS B 165 0.14 -24.21 6.65
CA LYS B 165 -0.48 -25.01 7.68
C LYS B 165 -1.79 -24.36 8.07
N ALA B 166 -1.79 -23.05 8.17
CA ALA B 166 -3.00 -22.33 8.56
C ALA B 166 -4.11 -22.43 7.49
N LEU B 167 -3.72 -22.32 6.21
CA LEU B 167 -4.65 -22.47 5.09
C LEU B 167 -5.28 -23.85 5.03
N VAL B 168 -4.46 -24.87 5.26
CA VAL B 168 -4.89 -26.26 5.28
C VAL B 168 -5.92 -26.46 6.38
N GLU B 169 -5.58 -26.07 7.60
CA GLU B 169 -6.48 -26.23 8.75
C GLU B 169 -7.87 -25.61 8.47
N ALA B 170 -7.89 -24.57 7.65
CA ALA B 170 -9.10 -23.80 7.37
C ALA B 170 -9.80 -24.28 6.12
N PHE B 171 -9.03 -24.64 5.10
CA PHE B 171 -9.66 -25.25 3.97
C PHE B 171 -10.31 -26.58 4.33
N GLN B 172 -10.14 -27.06 5.57
CA GLN B 172 -10.99 -28.12 6.10
C GLN B 172 -12.44 -27.70 5.99
N HIS B 173 -12.77 -26.57 6.62
CA HIS B 173 -14.14 -26.18 6.98
C HIS B 173 -14.90 -25.33 5.96
N ASP B 174 -14.26 -24.95 4.84
CA ASP B 174 -14.88 -24.01 3.92
C ASP B 174 -14.17 -23.97 2.57
N SER B 175 -14.93 -23.64 1.52
CA SER B 175 -14.35 -23.48 0.19
C SER B 175 -13.77 -22.05 0.00
N ASP B 176 -13.90 -21.24 1.04
CA ASP B 176 -13.50 -19.85 0.95
C ASP B 176 -12.85 -19.44 2.26
N VAL B 177 -11.75 -18.73 2.16
CA VAL B 177 -10.98 -18.41 3.33
C VAL B 177 -10.47 -17.02 3.19
N LEU B 178 -10.45 -16.35 4.32
CA LEU B 178 -9.95 -14.99 4.44
C LEU B 178 -8.62 -14.95 5.19
N ILE B 179 -7.69 -14.21 4.61
CA ILE B 179 -6.41 -13.92 5.24
C ILE B 179 -6.47 -12.42 5.49
N GLU B 180 -6.41 -12.01 6.75
CA GLU B 180 -6.47 -10.61 7.10
C GLU B 180 -5.25 -10.04 7.84
N LYS B 181 -5.01 -8.75 7.69
CA LYS B 181 -4.06 -8.03 8.54
C LYS B 181 -4.49 -8.05 9.99
N TRP B 182 -3.60 -8.50 10.87
CA TRP B 182 -3.81 -8.44 12.32
C TRP B 182 -3.85 -7.02 12.85
N LEU B 183 -4.70 -6.78 13.84
CA LEU B 183 -4.88 -5.45 14.43
C LEU B 183 -4.61 -5.53 15.93
N SER B 184 -4.10 -4.42 16.46
CA SER B 184 -3.46 -4.43 17.76
C SER B 184 -4.43 -4.04 18.83
N GLY B 185 -5.61 -3.54 18.45
CA GLY B 185 -6.76 -3.55 19.36
C GLY B 185 -6.78 -2.21 20.00
N PRO B 186 -7.57 -2.06 21.06
CA PRO B 186 -8.52 -2.98 21.65
C PRO B 186 -9.84 -3.20 20.84
N GLU B 187 -10.69 -4.06 21.39
CA GLU B 187 -11.86 -4.52 20.73
C GLU B 187 -13.08 -3.85 21.35
N PHE B 188 -14.10 -3.59 20.53
CA PHE B 188 -15.32 -2.94 21.03
C PHE B 188 -16.58 -3.62 20.54
N THR B 189 -17.64 -3.47 21.31
CA THR B 189 -18.91 -4.01 20.88
C THR B 189 -20.02 -3.00 21.16
N VAL B 190 -20.86 -2.83 20.15
CA VAL B 190 -21.91 -1.82 20.14
C VAL B 190 -23.27 -2.52 19.88
N ALA B 191 -24.07 -2.57 20.92
CA ALA B 191 -25.39 -3.14 20.87
C ALA B 191 -26.36 -2.14 20.23
N ILE B 192 -27.19 -2.65 19.32
CA ILE B 192 -28.17 -1.82 18.74
C ILE B 192 -29.54 -2.34 19.01
N LEU B 193 -30.43 -1.42 19.37
CA LEU B 193 -31.77 -1.78 19.76
C LEU B 193 -32.74 -0.90 18.98
N GLY B 194 -33.28 -1.45 17.91
CA GLY B 194 -34.10 -0.68 17.02
C GLY B 194 -33.27 0.37 16.31
N ASP B 195 -33.48 1.61 16.68
CA ASP B 195 -32.70 2.73 16.15
C ASP B 195 -31.77 3.32 17.20
N GLU B 196 -31.89 2.91 18.46
CA GLU B 196 -31.00 3.38 19.50
C GLU B 196 -29.70 2.55 19.50
N VAL B 197 -28.58 3.25 19.50
CA VAL B 197 -27.26 2.64 19.74
C VAL B 197 -26.95 2.66 21.21
N LEU B 198 -26.78 1.52 21.87
CA LEU B 198 -26.44 1.56 23.29
C LEU B 198 -24.95 1.84 23.55
N PRO B 199 -24.54 1.97 24.82
CA PRO B 199 -23.12 2.35 25.04
C PRO B 199 -22.16 1.22 24.80
N SER B 200 -21.06 1.50 24.14
CA SER B 200 -20.10 0.48 23.85
C SER B 200 -19.39 -0.09 25.08
N ILE B 201 -18.76 -1.23 24.86
CA ILE B 201 -18.11 -1.97 25.84
C ILE B 201 -16.73 -2.28 25.29
N ARG B 202 -15.67 -2.10 26.10
CA ARG B 202 -14.30 -2.43 25.68
C ARG B 202 -14.14 -3.86 26.07
N ILE B 203 -13.61 -4.66 25.18
CA ILE B 203 -13.25 -6.04 25.49
C ILE B 203 -11.73 -6.11 25.48
N GLN B 204 -11.19 -6.62 26.60
CA GLN B 204 -9.75 -6.84 26.76
C GLN B 204 -9.60 -8.35 27.01
N PRO B 205 -9.24 -9.12 25.96
CA PRO B 205 -9.10 -10.55 26.22
C PRO B 205 -7.68 -10.89 26.77
N PRO B 206 -7.42 -12.18 27.11
CA PRO B 206 -6.07 -12.71 27.35
C PRO B 206 -5.12 -12.65 26.13
N THR B 221 -10.69 -12.52 30.38
CA THR B 221 -11.44 -11.43 29.74
C THR B 221 -11.95 -10.43 30.76
N GLN B 222 -11.58 -9.16 30.63
CA GLN B 222 -12.26 -8.12 31.37
C GLN B 222 -13.11 -7.34 30.34
N TYR B 223 -14.31 -6.95 30.79
CA TYR B 223 -15.20 -6.05 30.08
C TYR B 223 -15.24 -4.73 30.84
N PHE B 224 -15.05 -3.66 30.09
CA PHE B 224 -15.20 -2.32 30.61
C PHE B 224 -16.42 -1.67 29.92
N CYS B 225 -17.41 -1.31 30.75
CA CYS B 225 -18.47 -0.36 30.37
C CYS B 225 -18.60 0.64 31.54
N PRO B 226 -18.35 1.94 31.28
CA PRO B 226 -18.04 2.55 29.98
C PRO B 226 -16.67 2.15 29.41
N SER B 227 -16.48 2.49 28.14
CA SER B 227 -15.46 1.89 27.34
C SER B 227 -14.12 2.59 27.52
N GLY B 228 -14.14 3.82 28.01
CA GLY B 228 -12.93 4.63 28.08
C GLY B 228 -12.74 5.65 26.97
N LEU B 229 -13.51 5.54 25.90
CA LEU B 229 -13.34 6.44 24.78
C LEU B 229 -13.79 7.80 25.11
N SER B 230 -13.22 8.79 24.44
CA SER B 230 -13.75 10.14 24.52
C SER B 230 -15.17 10.17 24.02
N ASP B 231 -15.91 11.19 24.44
CA ASP B 231 -17.26 11.38 23.96
C ASP B 231 -17.24 11.37 22.43
N GLU B 232 -16.24 12.05 21.87
CA GLU B 232 -16.19 12.33 20.45
C GLU B 232 -15.87 11.06 19.72
N SER B 233 -15.10 10.18 20.36
CA SER B 233 -14.84 8.87 19.78
C SER B 233 -16.05 7.94 19.89
N GLU B 234 -16.78 8.05 20.99
CA GLU B 234 -18.02 7.27 21.18
C GLU B 234 -19.07 7.64 20.13
N GLN B 235 -19.19 8.93 19.85
CA GLN B 235 -20.09 9.38 18.79
C GLN B 235 -19.67 8.81 17.46
N GLN B 236 -18.38 8.86 17.15
CA GLN B 236 -17.94 8.30 15.88
C GLN B 236 -18.26 6.82 15.77
N LEU B 237 -18.10 6.12 16.88
CA LEU B 237 -18.21 4.68 16.91
C LEU B 237 -19.69 4.28 16.76
N ALA B 238 -20.57 4.95 17.51
CA ALA B 238 -22.01 4.75 17.42
C ALA B 238 -22.53 5.00 15.97
N ALA B 239 -22.11 6.09 15.38
CA ALA B 239 -22.50 6.36 13.98
C ALA B 239 -21.97 5.27 13.03
N LEU B 240 -20.75 4.83 13.26
CA LEU B 240 -20.16 3.85 12.38
C LEU B 240 -20.89 2.48 12.52
N ALA B 241 -21.25 2.17 13.74
CA ALA B 241 -21.86 0.87 14.02
C ALA B 241 -23.28 0.81 13.40
N LEU B 242 -24.02 1.90 13.58
CA LEU B 242 -25.31 2.06 12.93
C LEU B 242 -25.25 1.87 11.44
N GLN B 243 -24.31 2.51 10.78
CA GLN B 243 -24.16 2.34 9.32
C GLN B 243 -23.78 0.92 8.97
N ALA B 244 -23.03 0.25 9.82
CA ALA B 244 -22.60 -1.07 9.44
C ALA B 244 -23.76 -2.03 9.55
N TYR B 245 -24.62 -1.75 10.53
CA TYR B 245 -25.84 -2.55 10.80
C TYR B 245 -26.93 -2.35 9.69
N HIS B 246 -27.19 -1.13 9.34
CA HIS B 246 -28.05 -0.84 8.20
C HIS B 246 -27.46 -1.29 6.91
N ALA B 247 -26.15 -1.37 6.75
CA ALA B 247 -25.60 -1.76 5.46
C ALA B 247 -25.97 -3.16 5.10
N LEU B 248 -26.15 -3.99 6.11
CA LEU B 248 -26.45 -5.40 5.91
C LEU B 248 -27.95 -5.69 6.08
N ASP B 249 -28.75 -4.64 6.25
CA ASP B 249 -30.20 -4.72 6.35
C ASP B 249 -30.69 -5.34 7.63
N CYS B 250 -30.01 -5.07 8.73
CA CYS B 250 -30.40 -5.67 10.00
C CYS B 250 -31.54 -4.87 10.54
N SER B 251 -32.27 -5.47 11.44
CA SER B 251 -33.32 -4.74 12.11
C SER B 251 -33.64 -5.50 13.38
N GLY B 252 -34.43 -4.83 14.21
CA GLY B 252 -34.84 -5.33 15.51
C GLY B 252 -33.76 -5.01 16.54
N TRP B 253 -32.73 -5.85 16.57
CA TRP B 253 -31.61 -5.60 17.46
C TRP B 253 -30.45 -6.40 16.92
N GLY B 254 -29.26 -6.18 17.47
CA GLY B 254 -28.06 -6.88 17.02
C GLY B 254 -26.85 -6.33 17.77
N ARG B 255 -25.68 -6.90 17.59
CA ARG B 255 -24.47 -6.40 18.29
C ARG B 255 -23.45 -6.21 17.22
N VAL B 256 -22.84 -5.03 17.15
CA VAL B 256 -21.79 -4.85 16.17
C VAL B 256 -20.37 -4.93 16.81
N ASP B 257 -19.45 -5.60 16.14
CA ASP B 257 -18.07 -5.76 16.66
C ASP B 257 -17.03 -5.03 15.89
N VAL B 258 -16.17 -4.35 16.63
CA VAL B 258 -15.21 -3.39 16.07
C VAL B 258 -13.81 -3.52 16.75
N MET B 259 -12.76 -3.23 16.00
CA MET B 259 -11.41 -3.26 16.50
C MET B 259 -10.76 -1.95 16.20
N GLN B 260 -9.78 -1.55 17.00
CA GLN B 260 -8.92 -0.43 16.58
C GLN B 260 -7.59 -0.89 16.05
N ASP B 261 -6.91 -0.03 15.31
CA ASP B 261 -5.51 -0.22 14.97
C ASP B 261 -4.67 0.55 16.00
N ARG B 262 -3.35 0.56 15.80
CA ARG B 262 -2.43 1.28 16.72
C ARG B 262 -2.82 2.76 16.76
N ASP B 263 -3.21 3.35 15.63
CA ASP B 263 -3.57 4.77 15.59
C ASP B 263 -5.00 5.16 16.07
N GLY B 264 -5.77 4.21 16.62
CA GLY B 264 -7.16 4.52 17.04
C GLY B 264 -8.21 4.59 15.94
N HIS B 265 -7.90 4.27 14.69
CA HIS B 265 -8.94 3.94 13.70
C HIS B 265 -9.78 2.71 14.03
N PHE B 266 -11.09 2.83 13.85
CA PHE B 266 -12.00 1.70 13.99
C PHE B 266 -12.13 0.92 12.68
N TYR B 267 -12.19 -0.41 12.79
CA TYR B 267 -12.41 -1.32 11.68
C TYR B 267 -13.55 -2.24 12.05
N LEU B 268 -14.48 -2.48 11.10
CA LEU B 268 -15.60 -3.37 11.35
C LEU B 268 -15.20 -4.85 11.26
N LEU B 269 -15.58 -5.65 12.25
CA LEU B 269 -15.41 -7.11 12.20
C LEU B 269 -16.66 -7.92 11.76
N GLU B 270 -17.77 -7.81 12.49
CA GLU B 270 -18.97 -8.58 12.21
C GLU B 270 -20.18 -7.99 12.87
N VAL B 271 -21.35 -8.42 12.42
CA VAL B 271 -22.61 -8.07 13.07
C VAL B 271 -23.16 -9.37 13.56
N ASN B 272 -23.71 -9.39 14.75
CA ASN B 272 -24.25 -10.61 15.25
C ASN B 272 -25.72 -10.46 15.28
N THR B 273 -26.43 -11.33 14.61
CA THR B 273 -27.89 -11.19 14.54
C THR B 273 -28.74 -11.88 15.59
N SER B 274 -28.24 -12.85 16.37
CA SER B 274 -28.95 -13.28 17.67
C SER B 274 -28.07 -13.37 18.99
N PRO B 275 -27.67 -12.22 19.59
CA PRO B 275 -26.62 -12.19 20.67
C PRO B 275 -27.01 -12.85 22.00
N GLY B 276 -26.00 -13.08 22.86
CA GLY B 276 -26.17 -13.80 24.09
C GLY B 276 -27.04 -13.02 25.00
N MET B 277 -27.96 -13.67 25.72
CA MET B 277 -28.78 -12.94 26.72
C MET B 277 -28.67 -13.48 28.16
N THR B 278 -27.51 -14.07 28.48
CA THR B 278 -27.16 -14.47 29.86
C THR B 278 -26.78 -13.26 30.67
N SER B 279 -26.76 -13.43 31.99
CA SER B 279 -26.35 -12.36 32.89
C SER B 279 -24.88 -11.95 32.73
N HIS B 280 -24.10 -12.69 31.97
CA HIS B 280 -22.73 -12.30 31.74
C HIS B 280 -22.52 -11.88 30.30
N SER B 281 -23.60 -11.54 29.58
CA SER B 281 -23.49 -11.24 28.18
C SER B 281 -23.38 -9.75 27.92
N LEU B 282 -22.84 -9.44 26.77
CA LEU B 282 -22.59 -8.07 26.40
C LEU B 282 -23.85 -7.17 26.24
N VAL B 283 -24.84 -7.64 25.49
CA VAL B 283 -25.99 -6.77 25.23
C VAL B 283 -26.62 -6.39 26.56
N PRO B 284 -26.86 -7.41 27.42
CA PRO B 284 -27.45 -7.06 28.73
C PRO B 284 -26.63 -6.04 29.50
N MET B 285 -25.30 -6.11 29.38
CA MET B 285 -24.43 -5.17 30.07
C MET B 285 -24.52 -3.75 29.47
N ALA B 286 -24.55 -3.66 28.15
CA ALA B 286 -24.83 -2.37 27.51
C ALA B 286 -26.18 -1.79 27.92
N ALA B 287 -27.21 -2.63 27.95
CA ALA B 287 -28.50 -2.18 28.38
C ALA B 287 -28.43 -1.59 29.77
N ARG B 288 -27.83 -2.35 30.70
CA ARG B 288 -27.66 -1.86 32.10
C ARG B 288 -27.09 -0.47 32.13
N GLN B 289 -25.99 -0.28 31.45
CA GLN B 289 -25.39 1.02 31.37
C GLN B 289 -26.28 2.12 30.76
N TYR B 290 -27.20 1.73 29.89
CA TYR B 290 -28.13 2.67 29.24
C TYR B 290 -29.24 3.13 30.20
N GLY B 291 -29.43 2.40 31.29
CA GLY B 291 -30.47 2.74 32.24
C GLY B 291 -31.65 1.79 32.19
N LEU B 292 -31.51 0.66 31.46
CA LEU B 292 -32.55 -0.32 31.26
C LEU B 292 -32.34 -1.51 32.13
N SER B 293 -33.42 -2.02 32.72
CA SER B 293 -33.39 -3.35 33.27
C SER B 293 -33.47 -4.37 32.15
N PHE B 294 -33.19 -5.61 32.49
CA PHE B 294 -33.14 -6.67 31.53
C PHE B 294 -34.56 -6.93 31.02
N SER B 295 -35.52 -6.85 31.94
CA SER B 295 -36.94 -7.02 31.62
C SER B 295 -37.34 -5.97 30.58
N GLN B 296 -37.00 -4.71 30.84
CA GLN B 296 -37.24 -3.64 29.86
C GLN B 296 -36.59 -3.93 28.51
N LEU B 297 -35.37 -4.41 28.55
CA LEU B 297 -34.63 -4.66 27.29
C LEU B 297 -35.33 -5.67 26.39
N VAL B 298 -35.70 -6.81 26.95
CA VAL B 298 -36.39 -7.84 26.16
C VAL B 298 -37.80 -7.45 25.76
N ALA B 299 -38.53 -6.73 26.59
CA ALA B 299 -39.80 -6.14 26.16
C ALA B 299 -39.63 -5.18 24.96
N ARG B 300 -38.58 -4.37 24.94
CA ARG B 300 -38.35 -3.46 23.78
C ARG B 300 -38.06 -4.20 22.53
N ILE B 301 -37.28 -5.27 22.67
CA ILE B 301 -36.92 -6.07 21.51
C ILE B 301 -38.14 -6.71 20.91
N LEU B 302 -39.04 -7.14 21.78
CA LEU B 302 -40.27 -7.77 21.33
C LEU B 302 -41.20 -6.76 20.72
N MET B 303 -41.25 -5.55 21.24
CA MET B 303 -42.07 -4.58 20.63
C MET B 303 -41.59 -4.36 19.18
N LEU B 304 -40.29 -4.53 18.93
CA LEU B 304 -39.72 -4.25 17.61
C LEU B 304 -39.98 -5.34 16.59
N ALA B 305 -40.62 -6.44 17.01
CA ALA B 305 -41.10 -7.51 16.12
C ALA B 305 -42.59 -7.29 15.81
N ASP B 306 -42.95 -6.99 14.57
CA ASP B 306 -44.38 -6.65 14.28
C ASP B 306 -44.97 -7.37 13.04
N MET C 1 1.11 34.31 -11.91
CA MET C 1 2.24 34.61 -10.93
C MET C 1 2.26 33.73 -9.66
N ALA C 2 1.12 33.27 -9.15
CA ALA C 2 1.13 32.18 -8.14
C ALA C 2 1.80 30.87 -8.59
N GLU C 3 2.52 30.25 -7.65
CA GLU C 3 3.38 29.08 -7.95
C GLU C 3 2.54 27.87 -8.21
N LYS C 4 2.91 27.09 -9.21
CA LYS C 4 2.27 25.83 -9.44
C LYS C 4 3.24 24.81 -8.87
N VAL C 5 2.72 23.94 -8.04
CA VAL C 5 3.58 23.05 -7.26
C VAL C 5 3.26 21.62 -7.64
N ALA C 6 4.28 20.89 -8.07
CA ALA C 6 4.10 19.48 -8.37
C ALA C 6 4.50 18.65 -7.14
N VAL C 7 3.59 17.80 -6.71
CA VAL C 7 3.82 16.79 -5.73
C VAL C 7 4.19 15.45 -6.43
N LEU C 8 5.49 15.12 -6.46
CA LEU C 8 5.95 13.89 -7.09
C LEU C 8 5.61 12.71 -6.19
N LEU C 9 4.96 11.72 -6.75
CA LEU C 9 4.47 10.63 -5.97
C LEU C 9 4.46 9.36 -6.79
N GLY C 10 4.38 8.24 -6.10
CA GLY C 10 4.26 6.95 -6.72
C GLY C 10 5.59 6.41 -7.15
N GLY C 11 5.97 6.71 -8.38
CA GLY C 11 7.21 6.22 -8.94
C GLY C 11 7.21 4.73 -9.20
N THR C 12 8.40 4.18 -9.33
CA THR C 12 8.60 2.82 -9.70
C THR C 12 9.39 2.01 -8.67
N SER C 13 9.69 2.61 -7.52
CA SER C 13 10.51 1.91 -6.53
C SER C 13 9.64 0.89 -5.80
N ALA C 14 10.26 0.05 -4.99
CA ALA C 14 9.52 -0.91 -4.14
C ALA C 14 8.56 -0.22 -3.15
N GLU C 15 8.83 1.03 -2.82
CA GLU C 15 8.00 1.79 -1.88
C GLU C 15 6.82 2.57 -2.52
N ARG C 16 6.69 2.44 -3.83
CA ARG C 16 5.53 2.97 -4.55
C ARG C 16 4.22 3.22 -3.77
N GLU C 17 3.70 2.18 -3.15
CA GLU C 17 2.40 2.25 -2.49
C GLU C 17 2.45 3.18 -1.32
N VAL C 18 3.54 3.19 -0.61
CA VAL C 18 3.68 4.14 0.51
C VAL C 18 3.73 5.52 -0.09
N SER C 19 4.44 5.69 -1.20
CA SER C 19 4.55 7.00 -1.85
C SER C 19 3.19 7.52 -2.36
N LEU C 20 2.34 6.65 -2.93
CA LEU C 20 0.93 7.06 -3.26
C LEU C 20 0.24 7.66 -2.09
N LEU C 21 0.34 6.99 -0.95
CA LEU C 21 -0.32 7.54 0.25
C LEU C 21 0.34 8.84 0.76
N SER C 22 1.67 8.96 0.64
CA SER C 22 2.34 10.19 1.12
C SER C 22 1.95 11.34 0.24
N GLY C 23 2.03 11.10 -1.07
CA GLY C 23 1.65 12.10 -2.09
C GLY C 23 0.23 12.57 -1.85
N GLN C 24 -0.64 11.61 -1.57
CA GLN C 24 -2.01 11.94 -1.39
C GLN C 24 -2.21 12.76 -0.13
N ALA C 25 -1.51 12.46 0.93
CA ALA C 25 -1.70 13.27 2.12
C ALA C 25 -1.06 14.65 1.97
N VAL C 26 0.06 14.70 1.26
CA VAL C 26 0.73 15.97 1.13
C VAL C 26 -0.15 16.90 0.32
N LEU C 27 -0.70 16.38 -0.77
CA LEU C 27 -1.64 17.17 -1.62
C LEU C 27 -2.74 17.78 -0.85
N ALA C 28 -3.42 16.97 -0.07
CA ALA C 28 -4.54 17.45 0.71
C ALA C 28 -4.12 18.46 1.74
N GLY C 29 -2.91 18.29 2.27
CA GLY C 29 -2.34 19.26 3.21
C GLY C 29 -2.08 20.58 2.54
N LEU C 30 -1.50 20.54 1.35
CA LEU C 30 -1.14 21.76 0.68
C LEU C 30 -2.38 22.52 0.18
N LYS C 31 -3.40 21.79 -0.19
CA LYS C 31 -4.67 22.39 -0.61
C LYS C 31 -5.32 23.15 0.54
N GLU C 32 -5.33 22.54 1.73
CA GLU C 32 -5.81 23.22 2.94
C GLU C 32 -5.04 24.53 3.24
N ALA C 33 -3.78 24.61 2.86
CA ALA C 33 -3.00 25.81 3.04
C ALA C 33 -3.16 26.77 1.85
N GLY C 34 -4.06 26.48 0.92
CA GLY C 34 -4.27 27.31 -0.25
C GLY C 34 -3.17 27.31 -1.31
N ILE C 35 -2.36 26.27 -1.34
CA ILE C 35 -1.22 26.22 -2.26
C ILE C 35 -1.76 25.46 -3.49
N ASP C 36 -1.37 25.93 -4.66
CA ASP C 36 -1.84 25.38 -5.91
C ASP C 36 -1.00 24.20 -6.32
N ALA C 37 -1.44 23.00 -5.94
CA ALA C 37 -0.59 21.83 -6.08
C ALA C 37 -1.29 20.74 -6.87
N TYR C 38 -0.51 19.95 -7.60
CA TYR C 38 -1.04 18.90 -8.46
C TYR C 38 -0.18 17.67 -8.29
N GLY C 39 -0.86 16.53 -8.23
CA GLY C 39 -0.18 15.26 -8.10
C GLY C 39 0.38 14.78 -9.41
N VAL C 40 1.60 14.24 -9.36
CA VAL C 40 2.32 13.80 -10.53
C VAL C 40 2.90 12.43 -10.20
N ASP C 41 2.17 11.39 -10.60
CA ASP C 41 2.68 10.05 -10.56
C ASP C 41 3.82 9.88 -11.58
N THR C 42 5.05 9.86 -11.08
CA THR C 42 6.23 9.81 -11.96
C THR C 42 6.38 8.47 -12.69
N LYS C 43 5.57 7.46 -12.33
CA LYS C 43 5.51 6.22 -13.10
C LYS C 43 5.05 6.49 -14.52
N ASP C 44 4.10 7.41 -14.67
CA ASP C 44 3.49 7.79 -15.96
C ASP C 44 3.99 9.12 -16.54
N PHE C 45 4.67 9.93 -15.74
CA PHE C 45 5.07 11.24 -16.23
C PHE C 45 6.56 11.41 -16.05
N PRO C 46 7.27 11.87 -17.10
CA PRO C 46 8.71 12.01 -16.95
C PRO C 46 9.04 13.30 -16.22
N VAL C 47 9.72 13.15 -15.10
CA VAL C 47 10.13 14.31 -14.31
C VAL C 47 11.02 15.26 -15.11
N THR C 48 11.64 14.80 -16.19
CA THR C 48 12.39 15.73 -17.07
C THR C 48 11.48 16.77 -17.75
N GLN C 49 10.17 16.56 -17.78
CA GLN C 49 9.29 17.49 -18.45
C GLN C 49 8.51 18.45 -17.51
N LEU C 50 8.95 18.56 -16.26
CA LEU C 50 8.20 19.34 -15.26
C LEU C 50 8.27 20.84 -15.50
N LYS C 51 9.41 21.35 -15.94
CA LYS C 51 9.50 22.77 -16.26
C LYS C 51 8.66 23.04 -17.50
N GLU C 52 8.74 22.15 -18.48
CA GLU C 52 7.95 22.32 -19.69
C GLU C 52 6.49 22.49 -19.32
N GLN C 53 6.01 21.69 -18.39
CA GLN C 53 4.59 21.63 -18.10
C GLN C 53 4.08 22.84 -17.25
N GLY C 54 4.99 23.70 -16.81
CA GLY C 54 4.59 24.91 -16.10
C GLY C 54 4.75 24.94 -14.59
N PHE C 55 5.41 23.93 -14.02
CA PHE C 55 5.73 23.91 -12.57
C PHE C 55 6.82 24.89 -12.20
N ASP C 56 6.63 25.52 -11.05
CA ASP C 56 7.59 26.50 -10.49
C ASP C 56 8.37 25.93 -9.33
N LYS C 57 7.85 24.85 -8.75
CA LYS C 57 8.33 24.29 -7.50
C LYS C 57 7.88 22.84 -7.34
N VAL C 58 8.75 22.02 -6.78
CA VAL C 58 8.48 20.61 -6.55
C VAL C 58 8.56 20.13 -5.09
N PHE C 59 7.50 19.44 -4.68
CA PHE C 59 7.46 18.73 -3.42
C PHE C 59 7.67 17.27 -3.74
N ILE C 60 8.74 16.72 -3.17
CA ILE C 60 9.12 15.35 -3.40
C ILE C 60 8.53 14.44 -2.31
N ALA C 61 7.66 13.55 -2.74
CA ALA C 61 6.97 12.63 -1.86
C ALA C 61 7.20 11.19 -2.34
N LEU C 62 8.27 11.00 -3.11
CA LEU C 62 8.78 9.71 -3.53
C LEU C 62 9.74 9.16 -2.44
N HIS C 63 9.90 7.85 -2.40
CA HIS C 63 10.72 7.17 -1.42
C HIS C 63 11.56 6.10 -2.13
N GLY C 64 12.81 5.92 -1.72
CA GLY C 64 13.60 4.83 -2.20
C GLY C 64 14.29 5.20 -3.46
N ARG C 65 14.72 4.21 -4.21
CA ARG C 65 15.49 4.46 -5.40
C ARG C 65 14.69 5.33 -6.40
N GLY C 66 15.37 6.31 -6.97
CA GLY C 66 14.80 7.21 -7.93
C GLY C 66 14.05 8.35 -7.26
N GLY C 67 14.12 8.41 -5.92
CA GLY C 67 13.47 9.44 -5.18
C GLY C 67 14.31 10.15 -4.16
N GLU C 68 15.15 9.39 -3.43
CA GLU C 68 15.87 10.00 -2.31
C GLU C 68 17.39 9.74 -2.33
N ASP C 69 17.90 9.43 -3.52
CA ASP C 69 19.28 8.98 -3.75
C ASP C 69 20.12 9.91 -4.62
N GLY C 70 19.62 11.11 -4.84
CA GLY C 70 20.30 12.12 -5.67
C GLY C 70 20.03 12.15 -7.17
N THR C 71 19.53 11.07 -7.76
CA THR C 71 19.27 11.08 -9.21
C THR C 71 18.15 12.09 -9.53
N LEU C 72 17.02 11.95 -8.86
CA LEU C 72 15.95 12.94 -8.93
C LEU C 72 16.42 14.33 -8.60
N GLN C 73 17.24 14.46 -7.54
CA GLN C 73 17.66 15.79 -7.19
C GLN C 73 18.50 16.43 -8.33
N GLY C 74 19.28 15.64 -9.04
CA GLY C 74 20.08 16.17 -10.12
C GLY C 74 19.23 16.67 -11.26
N VAL C 75 18.20 15.91 -11.64
CA VAL C 75 17.31 16.34 -12.69
C VAL C 75 16.75 17.68 -12.35
N LEU C 76 16.33 17.84 -11.09
CA LEU C 76 15.70 19.08 -10.66
C LEU C 76 16.67 20.23 -10.65
N GLU C 77 17.95 19.98 -10.35
CA GLU C 77 18.94 21.05 -10.36
C GLU C 77 19.14 21.41 -11.84
N PHE C 78 19.14 20.39 -12.69
CA PHE C 78 19.33 20.67 -14.10
C PHE C 78 18.20 21.58 -14.60
N LEU C 79 16.96 21.27 -14.26
CA LEU C 79 15.83 22.08 -14.66
C LEU C 79 15.71 23.40 -13.90
N GLN C 80 16.48 23.60 -12.84
CA GLN C 80 16.47 24.83 -12.07
C GLN C 80 15.17 25.11 -11.32
N LEU C 81 14.52 24.03 -10.93
CA LEU C 81 13.33 24.04 -10.06
C LEU C 81 13.70 23.87 -8.58
N PRO C 82 13.24 24.79 -7.72
CA PRO C 82 13.34 24.57 -6.28
C PRO C 82 12.56 23.31 -5.88
N TYR C 83 13.06 22.61 -4.88
CA TYR C 83 12.54 21.36 -4.52
C TYR C 83 12.81 21.16 -3.09
N THR C 84 12.03 20.28 -2.48
CA THR C 84 12.09 20.06 -1.07
C THR C 84 13.12 19.02 -0.77
N GLY C 85 13.54 19.05 0.48
CA GLY C 85 14.48 18.11 1.04
C GLY C 85 15.90 18.47 0.67
N SER C 86 16.82 17.52 0.81
CA SER C 86 18.23 17.73 0.66
C SER C 86 18.65 17.76 -0.83
N GLY C 87 19.82 18.34 -1.07
CA GLY C 87 20.43 18.38 -2.35
C GLY C 87 21.02 17.02 -2.80
N VAL C 88 21.74 17.09 -3.90
CA VAL C 88 22.26 15.94 -4.59
C VAL C 88 23.17 15.09 -3.70
N MET C 89 24.12 15.77 -3.09
CA MET C 89 25.23 15.18 -2.41
C MET C 89 24.73 14.47 -1.20
N ALA C 90 24.01 15.21 -0.38
CA ALA C 90 23.36 14.64 0.79
C ALA C 90 22.37 13.54 0.47
N SER C 91 21.57 13.72 -0.56
CA SER C 91 20.63 12.65 -0.91
C SER C 91 21.33 11.35 -1.23
N ALA C 92 22.36 11.42 -2.07
CA ALA C 92 23.15 10.20 -2.47
C ALA C 92 23.98 9.60 -1.30
N LEU C 93 24.60 10.47 -0.55
CA LEU C 93 25.51 10.03 0.52
C LEU C 93 24.75 9.29 1.60
N THR C 94 23.58 9.81 2.00
CA THR C 94 22.73 9.10 2.94
C THR C 94 22.29 7.69 2.53
N MET C 95 22.43 7.30 1.28
CA MET C 95 22.13 5.94 0.83
C MET C 95 23.33 5.05 0.95
N ASP C 96 24.51 5.64 0.96
CA ASP C 96 25.73 4.87 1.20
C ASP C 96 26.03 4.73 2.71
N LYS C 97 25.86 3.56 3.26
CA LYS C 97 26.08 3.41 4.69
C LYS C 97 27.55 3.43 5.09
N LEU C 98 28.42 2.82 4.31
CA LEU C 98 29.83 2.90 4.61
C LEU C 98 30.23 4.32 4.71
N ARG C 99 29.94 5.11 3.68
CA ARG C 99 30.49 6.48 3.70
C ARG C 99 29.80 7.41 4.67
N THR C 100 28.54 7.17 4.94
CA THR C 100 27.87 7.88 5.99
C THR C 100 28.66 7.67 7.31
N LYS C 101 29.03 6.42 7.55
CA LYS C 101 29.68 6.12 8.81
C LYS C 101 31.04 6.72 8.84
N LEU C 102 31.71 6.82 7.68
CA LEU C 102 33.08 7.33 7.68
C LEU C 102 33.05 8.77 8.08
N VAL C 103 32.08 9.52 7.55
CA VAL C 103 32.02 10.94 7.84
C VAL C 103 31.74 11.16 9.34
N TRP C 104 30.84 10.36 9.89
CA TRP C 104 30.45 10.52 11.28
C TRP C 104 31.63 10.20 12.22
N GLN C 105 32.33 9.11 11.92
CA GLN C 105 33.52 8.67 12.64
C GLN C 105 34.52 9.81 12.69
N ALA C 106 34.90 10.32 11.51
CA ALA C 106 35.88 11.39 11.44
C ALA C 106 35.46 12.57 12.28
N LEU C 107 34.16 12.88 12.34
CA LEU C 107 33.70 14.00 13.16
C LEU C 107 33.63 13.62 14.63
N GLY C 108 33.79 12.35 14.93
CA GLY C 108 33.78 11.88 16.32
C GLY C 108 32.39 11.56 16.85
N LEU C 109 31.45 11.18 15.98
CA LEU C 109 30.07 10.93 16.39
C LEU C 109 29.89 9.44 16.54
N PRO C 110 29.04 9.05 17.49
CA PRO C 110 29.00 7.66 17.88
C PRO C 110 28.30 6.75 16.89
N ILE C 111 28.94 5.63 16.59
CA ILE C 111 28.41 4.60 15.71
C ILE C 111 28.89 3.24 16.18
N SER C 112 28.10 2.23 15.92
CA SER C 112 28.41 0.91 16.37
C SER C 112 29.73 0.52 15.77
N PRO C 113 30.56 -0.15 16.55
CA PRO C 113 31.77 -0.68 15.92
C PRO C 113 31.42 -1.60 14.73
N TYR C 114 32.30 -1.68 13.74
CA TYR C 114 31.98 -2.49 12.57
C TYR C 114 33.24 -2.74 11.73
N VAL C 115 33.07 -3.58 10.70
CA VAL C 115 34.07 -3.91 9.73
C VAL C 115 33.39 -3.95 8.35
N ALA C 116 34.01 -3.28 7.39
CA ALA C 116 33.58 -3.24 6.01
C ALA C 116 34.27 -4.31 5.18
N LEU C 117 33.57 -4.88 4.21
CA LEU C 117 34.13 -5.85 3.28
C LEU C 117 33.58 -5.62 1.88
N ASN C 118 34.47 -5.68 0.90
CA ASN C 118 34.07 -5.71 -0.49
C ASN C 118 34.27 -7.13 -1.05
N ARG C 119 33.88 -7.31 -2.31
CA ARG C 119 33.88 -8.63 -2.95
C ARG C 119 35.26 -9.24 -3.09
N GLN C 120 36.26 -8.42 -3.38
CA GLN C 120 37.59 -8.96 -3.60
C GLN C 120 38.23 -9.44 -2.28
N GLN C 121 37.91 -8.83 -1.14
CA GLN C 121 38.36 -9.40 0.14
C GLN C 121 37.58 -10.68 0.38
N PHE C 122 36.29 -10.64 0.09
CA PHE C 122 35.43 -11.77 0.31
C PHE C 122 35.83 -13.01 -0.54
N GLU C 123 36.39 -12.80 -1.73
CA GLU C 123 36.75 -13.93 -2.62
C GLU C 123 38.17 -14.43 -2.35
N THR C 124 39.00 -13.56 -1.81
CA THR C 124 40.29 -13.95 -1.23
C THR C 124 40.12 -14.87 -0.03
N LEU C 125 39.20 -14.53 0.86
CA LEU C 125 39.30 -14.98 2.25
C LEU C 125 38.47 -16.17 2.56
N SER C 126 39.00 -16.97 3.48
CA SER C 126 38.37 -18.19 3.98
C SER C 126 37.51 -17.89 5.20
N PRO C 127 36.39 -18.63 5.36
CA PRO C 127 35.47 -18.54 6.49
C PRO C 127 36.16 -18.35 7.83
N GLU C 128 37.24 -19.07 8.04
CA GLU C 128 37.98 -19.02 9.31
C GLU C 128 38.65 -17.65 9.50
N GLU C 129 39.22 -17.10 8.44
CA GLU C 129 39.81 -15.74 8.50
C GLU C 129 38.72 -14.66 8.61
N LEU C 130 37.61 -14.83 7.90
CA LEU C 130 36.50 -13.92 8.01
C LEU C 130 36.04 -13.86 9.44
N VAL C 131 35.87 -15.03 10.07
CA VAL C 131 35.53 -15.09 11.51
C VAL C 131 36.55 -14.29 12.33
N ALA C 132 37.83 -14.50 12.08
CA ALA C 132 38.89 -13.79 12.81
C ALA C 132 38.77 -12.27 12.56
N CYS C 133 38.42 -11.94 11.33
CA CYS C 133 38.25 -10.55 10.92
C CYS C 133 37.26 -9.79 11.81
N VAL C 134 36.20 -10.46 12.25
CA VAL C 134 35.17 -9.74 13.00
C VAL C 134 35.11 -10.16 14.46
N ALA C 135 36.09 -10.92 14.90
CA ALA C 135 36.07 -11.46 16.26
C ALA C 135 36.07 -10.39 17.31
N LYS C 136 36.59 -9.19 17.01
CA LYS C 136 36.58 -8.11 18.02
C LYS C 136 35.20 -7.47 18.22
N LEU C 137 34.26 -7.74 17.31
CA LEU C 137 32.90 -7.19 17.40
C LEU C 137 32.02 -8.00 18.35
N GLY C 138 32.39 -9.27 18.57
CA GLY C 138 31.63 -10.12 19.47
C GLY C 138 30.44 -10.77 18.81
N LEU C 139 29.58 -11.34 19.62
CA LEU C 139 28.36 -11.91 19.10
C LEU C 139 27.21 -11.36 19.94
N PRO C 140 26.05 -11.13 19.32
CA PRO C 140 25.74 -11.40 17.92
C PRO C 140 26.10 -10.21 17.03
N LEU C 141 26.06 -10.41 15.73
CA LEU C 141 26.40 -9.42 14.72
C LEU C 141 25.25 -9.19 13.75
N ILE C 142 25.15 -7.97 13.25
CA ILE C 142 24.35 -7.69 12.05
C ILE C 142 25.28 -7.66 10.87
N VAL C 143 24.84 -8.29 9.81
CA VAL C 143 25.51 -8.27 8.54
C VAL C 143 24.54 -7.56 7.58
N LYS C 144 25.01 -6.54 6.87
CA LYS C 144 24.17 -5.83 5.87
C LYS C 144 24.89 -5.30 4.62
N PRO C 145 24.15 -5.27 3.50
CA PRO C 145 24.58 -4.53 2.31
C PRO C 145 24.94 -3.09 2.66
N SER C 146 25.97 -2.55 2.06
CA SER C 146 26.30 -1.15 2.36
C SER C 146 25.37 -0.12 1.71
N HIS C 147 24.81 -0.46 0.55
CA HIS C 147 23.94 0.48 -0.15
C HIS C 147 22.48 0.20 0.28
N GLU C 148 21.78 1.25 0.68
CA GLU C 148 20.37 1.18 1.00
C GLU C 148 19.63 0.64 -0.23
N GLY C 149 19.22 -0.63 -0.18
CA GLY C 149 18.64 -1.35 -1.33
C GLY C 149 17.12 -1.44 -1.22
N SER C 150 16.66 -2.50 -0.58
CA SER C 150 15.30 -2.55 -0.03
C SER C 150 15.26 -3.60 1.08
N SER C 151 15.43 -3.15 2.33
CA SER C 151 15.89 -3.95 3.50
C SER C 151 16.28 -5.43 3.32
N VAL C 152 16.59 -5.85 2.10
CA VAL C 152 16.87 -7.24 1.77
C VAL C 152 18.35 -7.50 1.95
N GLY C 153 18.72 -8.75 2.23
CA GLY C 153 20.14 -9.16 2.41
C GLY C 153 20.72 -9.04 3.81
N MET C 154 19.92 -8.62 4.77
CA MET C 154 20.38 -8.36 6.12
C MET C 154 20.14 -9.61 6.98
N SER C 155 21.05 -9.89 7.90
CA SER C 155 20.97 -11.02 8.80
C SER C 155 21.49 -10.69 10.20
N LYS C 156 20.90 -11.32 11.22
CA LYS C 156 21.46 -11.40 12.54
C LYS C 156 22.29 -12.69 12.63
N VAL C 157 23.53 -12.56 13.11
CA VAL C 157 24.42 -13.73 13.22
C VAL C 157 24.67 -14.01 14.71
N ASP C 158 24.18 -15.18 15.16
CA ASP C 158 24.27 -15.64 16.56
C ASP C 158 25.54 -16.45 16.84
N HIS C 159 26.00 -17.19 15.83
CA HIS C 159 27.16 -18.05 15.95
C HIS C 159 28.07 -17.85 14.78
N ALA C 160 29.36 -17.82 15.09
CA ALA C 160 30.46 -17.75 14.15
C ALA C 160 30.21 -18.57 12.92
N SER C 161 29.71 -19.78 13.14
CA SER C 161 29.46 -20.69 12.04
C SER C 161 28.41 -20.14 11.10
N GLU C 162 27.55 -19.25 11.58
CA GLU C 162 26.48 -18.72 10.69
C GLU C 162 26.95 -17.56 9.77
N LEU C 163 28.17 -17.06 10.00
CA LEU C 163 28.67 -15.85 9.34
C LEU C 163 28.81 -16.00 7.86
N GLN C 164 29.33 -17.13 7.43
CA GLN C 164 29.55 -17.35 6.03
C GLN C 164 28.28 -17.25 5.20
N LYS C 165 27.23 -17.92 5.65
CA LYS C 165 25.94 -17.91 4.97
C LYS C 165 25.35 -16.51 4.96
N ALA C 166 25.68 -15.71 5.97
CA ALA C 166 25.17 -14.35 6.01
C ALA C 166 25.93 -13.42 5.02
N LEU C 167 27.21 -13.66 4.80
CA LEU C 167 27.94 -12.86 3.84
C LEU C 167 27.48 -13.21 2.41
N VAL C 168 27.34 -14.51 2.15
CA VAL C 168 26.89 -14.94 0.83
C VAL C 168 25.63 -14.17 0.42
N GLU C 169 24.59 -14.34 1.20
CA GLU C 169 23.32 -13.68 1.00
C GLU C 169 23.46 -12.16 0.80
N ALA C 170 24.30 -11.52 1.60
CA ALA C 170 24.43 -10.06 1.51
C ALA C 170 25.11 -9.68 0.21
N PHE C 171 26.07 -10.47 -0.24
CA PHE C 171 26.73 -10.19 -1.51
C PHE C 171 25.84 -10.49 -2.74
N GLN C 172 24.66 -11.09 -2.57
CA GLN C 172 23.74 -11.23 -3.68
C GLN C 172 23.28 -9.86 -4.09
N HIS C 173 23.15 -8.96 -3.12
CA HIS C 173 22.48 -7.67 -3.33
C HIS C 173 23.41 -6.48 -3.27
N ASP C 174 24.71 -6.66 -3.39
CA ASP C 174 25.65 -5.55 -3.26
C ASP C 174 27.05 -6.10 -3.36
N SER C 175 28.02 -5.21 -3.57
CA SER C 175 29.43 -5.57 -3.62
C SER C 175 30.19 -5.15 -2.37
N ASP C 176 29.55 -4.33 -1.55
CA ASP C 176 30.13 -3.92 -0.28
C ASP C 176 29.19 -4.33 0.88
N VAL C 177 29.79 -4.64 2.02
CA VAL C 177 29.10 -5.27 3.12
C VAL C 177 29.65 -4.79 4.45
N LEU C 178 28.75 -4.61 5.39
CA LEU C 178 29.07 -4.14 6.71
C LEU C 178 28.70 -5.20 7.71
N ILE C 179 29.62 -5.51 8.63
CA ILE C 179 29.32 -6.34 9.76
C ILE C 179 29.37 -5.45 10.99
N GLU C 180 28.26 -5.33 11.71
CA GLU C 180 28.19 -4.42 12.82
C GLU C 180 27.94 -5.18 14.11
N LYS C 181 28.46 -4.67 15.21
CA LYS C 181 28.13 -5.23 16.52
C LYS C 181 26.63 -4.99 16.73
N TRP C 182 25.96 -5.95 17.34
CA TRP C 182 24.50 -5.84 17.56
C TRP C 182 24.27 -4.81 18.67
N LEU C 183 23.34 -3.88 18.47
CA LEU C 183 22.92 -2.93 19.50
C LEU C 183 21.60 -3.37 20.09
N SER C 184 21.46 -3.26 21.41
CA SER C 184 20.35 -3.86 22.13
C SER C 184 19.08 -3.03 21.98
N GLY C 185 19.21 -1.82 21.56
CA GLY C 185 18.07 -0.97 21.46
C GLY C 185 17.90 -0.44 22.83
N PRO C 186 16.88 0.38 23.03
CA PRO C 186 15.84 0.65 22.03
C PRO C 186 16.19 1.68 20.91
N GLU C 187 15.37 1.65 19.86
CA GLU C 187 15.55 2.44 18.68
C GLU C 187 14.74 3.73 18.81
N PHE C 188 15.20 4.83 18.22
CA PHE C 188 14.49 6.11 18.30
C PHE C 188 14.61 6.79 16.98
N THR C 189 13.74 7.74 16.71
CA THR C 189 13.97 8.57 15.54
C THR C 189 13.70 10.03 15.82
N VAL C 190 14.43 10.90 15.14
CA VAL C 190 14.35 12.32 15.38
C VAL C 190 14.11 13.08 14.07
N ALA C 191 13.02 13.79 14.00
CA ALA C 191 12.69 14.48 12.77
C ALA C 191 13.23 15.88 12.87
N ILE C 192 13.69 16.37 11.73
CA ILE C 192 14.27 17.69 11.64
C ILE C 192 13.66 18.52 10.52
N LEU C 193 13.30 19.74 10.86
CA LEU C 193 12.58 20.57 9.98
C LEU C 193 13.22 21.91 9.98
N GLY C 194 13.83 22.24 8.86
CA GLY C 194 14.66 23.42 8.76
C GLY C 194 15.82 23.31 9.76
N ASP C 195 15.75 24.13 10.79
CA ASP C 195 16.77 24.15 11.82
C ASP C 195 16.22 23.54 13.12
N GLU C 196 14.95 23.19 13.15
CA GLU C 196 14.30 22.76 14.40
C GLU C 196 14.29 21.26 14.54
N VAL C 197 14.61 20.79 15.75
CA VAL C 197 14.54 19.41 16.05
C VAL C 197 13.16 19.16 16.64
N LEU C 198 12.47 18.14 16.09
CA LEU C 198 11.17 17.75 16.65
C LEU C 198 11.30 16.67 17.73
N PRO C 199 10.23 16.46 18.50
CA PRO C 199 10.27 15.50 19.58
C PRO C 199 10.60 14.16 19.05
N SER C 200 11.56 13.48 19.69
CA SER C 200 11.93 12.14 19.29
C SER C 200 10.76 11.15 19.51
N ILE C 201 10.84 10.06 18.78
CA ILE C 201 9.88 8.99 18.94
C ILE C 201 10.68 7.72 19.21
N ARG C 202 10.18 6.87 20.10
CA ARG C 202 10.70 5.55 20.32
C ARG C 202 9.87 4.55 19.55
N ILE C 203 10.59 3.56 18.98
CA ILE C 203 10.06 2.58 18.05
C ILE C 203 10.34 1.18 18.57
N GLN C 204 9.30 0.37 18.86
CA GLN C 204 9.52 -1.02 19.27
C GLN C 204 9.04 -1.90 18.14
N PRO C 205 9.98 -2.38 17.34
CA PRO C 205 9.48 -3.17 16.20
C PRO C 205 9.02 -4.57 16.64
N PRO C 206 8.18 -5.22 15.84
CA PRO C 206 7.70 -6.57 16.20
C PRO C 206 8.81 -7.60 16.29
N GLY C 207 9.79 -7.53 15.40
CA GLY C 207 10.81 -8.54 15.30
C GLY C 207 12.19 -7.93 15.47
N VAL C 208 13.17 -8.59 14.90
CA VAL C 208 14.59 -8.22 15.04
C VAL C 208 14.95 -6.80 14.55
N PHE C 209 14.48 -6.52 13.33
CA PHE C 209 14.79 -5.33 12.51
C PHE C 209 13.56 -4.42 12.31
N TYR C 210 13.78 -3.11 12.36
CA TYR C 210 12.75 -2.15 11.90
C TYR C 210 12.79 -2.12 10.41
N ASP C 211 12.18 -3.14 9.83
CA ASP C 211 12.26 -3.39 8.39
C ASP C 211 11.01 -2.86 7.59
N TYR C 212 10.97 -3.19 6.31
CA TYR C 212 9.87 -2.72 5.41
C TYR C 212 8.54 -3.06 6.03
N ASP C 213 8.36 -4.33 6.38
CA ASP C 213 7.16 -4.81 7.03
C ASP C 213 6.84 -4.03 8.31
N ALA C 214 7.84 -3.77 9.16
CA ALA C 214 7.57 -3.07 10.42
C ALA C 214 7.20 -1.61 10.21
N LYS C 215 7.78 -1.00 9.19
CA LYS C 215 7.54 0.41 8.88
C LYS C 215 6.16 0.57 8.29
N TYR C 216 5.78 -0.29 7.36
CA TYR C 216 4.67 0.08 6.44
C TYR C 216 3.46 -0.82 6.43
N LEU C 217 3.62 -2.07 6.82
CA LEU C 217 2.54 -3.07 6.78
C LEU C 217 2.03 -3.52 8.12
N SER C 218 2.91 -3.82 9.06
CA SER C 218 2.44 -4.35 10.35
C SER C 218 1.85 -3.31 11.28
N ASP C 219 0.76 -3.70 11.91
CA ASP C 219 0.17 -2.99 13.05
C ASP C 219 0.80 -3.43 14.39
N LYS C 220 1.64 -4.43 14.38
CA LYS C 220 2.28 -4.80 15.65
C LYS C 220 3.33 -3.78 16.11
N THR C 221 3.89 -2.98 15.18
CA THR C 221 4.88 -1.96 15.52
C THR C 221 4.33 -0.94 16.52
N GLN C 222 5.13 -0.53 17.49
CA GLN C 222 4.67 0.43 18.43
C GLN C 222 5.59 1.68 18.44
N TYR C 223 5.03 2.82 18.78
CA TYR C 223 5.66 4.09 18.66
C TYR C 223 5.30 4.87 19.88
N PHE C 224 6.25 5.54 20.52
CA PHE C 224 5.96 6.29 21.72
C PHE C 224 6.44 7.71 21.55
N CYS C 225 5.50 8.63 21.57
CA CYS C 225 5.81 10.02 21.53
C CYS C 225 4.89 10.65 22.55
N PRO C 226 5.46 11.17 23.64
CA PRO C 226 6.90 11.32 23.86
C PRO C 226 7.62 10.01 24.05
N SER C 227 8.93 10.05 23.90
CA SER C 227 9.71 8.84 23.82
C SER C 227 9.98 8.12 25.16
N GLY C 228 9.83 8.82 26.28
CA GLY C 228 10.15 8.22 27.58
C GLY C 228 11.53 8.59 28.14
N LEU C 229 12.37 9.19 27.32
CA LEU C 229 13.66 9.68 27.76
C LEU C 229 13.46 10.82 28.74
N SER C 230 14.47 11.03 29.57
CA SER C 230 14.48 12.15 30.50
C SER C 230 14.76 13.39 29.71
N ASP C 231 14.42 14.56 30.23
CA ASP C 231 14.74 15.82 29.57
C ASP C 231 16.19 15.89 29.11
N GLU C 232 17.09 15.42 29.96
CA GLU C 232 18.53 15.47 29.73
C GLU C 232 18.91 14.63 28.52
N SER C 233 18.51 13.35 28.52
CA SER C 233 18.72 12.47 27.39
C SER C 233 18.11 13.04 26.10
N GLU C 234 16.91 13.68 26.15
CA GLU C 234 16.27 14.33 24.98
C GLU C 234 17.13 15.44 24.39
N GLN C 235 17.76 16.23 25.24
CA GLN C 235 18.63 17.30 24.79
C GLN C 235 19.86 16.74 24.13
N GLN C 236 20.37 15.65 24.68
CA GLN C 236 21.55 15.07 24.09
C GLN C 236 21.22 14.47 22.72
N LEU C 237 20.13 13.73 22.67
CA LEU C 237 19.60 13.16 21.47
C LEU C 237 19.42 14.25 20.39
N ALA C 238 18.74 15.32 20.76
CA ALA C 238 18.46 16.41 19.82
C ALA C 238 19.74 16.98 19.28
N ALA C 239 20.72 17.26 20.14
CA ALA C 239 21.95 17.90 19.66
C ALA C 239 22.71 16.92 18.74
N LEU C 240 22.67 15.66 19.14
CA LEU C 240 23.38 14.64 18.40
C LEU C 240 22.79 14.46 17.00
N ALA C 241 21.46 14.49 16.91
CA ALA C 241 20.77 14.23 15.67
C ALA C 241 21.04 15.37 14.71
N LEU C 242 20.97 16.58 15.22
CA LEU C 242 21.25 17.74 14.40
C LEU C 242 22.68 17.74 13.82
N GLN C 243 23.64 17.39 14.65
CA GLN C 243 25.01 17.22 14.18
C GLN C 243 25.11 16.15 13.12
N ALA C 244 24.42 15.03 13.29
CA ALA C 244 24.55 13.97 12.33
C ALA C 244 23.98 14.42 10.98
N TYR C 245 22.91 15.19 11.05
CA TYR C 245 22.18 15.61 9.89
C TYR C 245 23.02 16.63 9.15
N HIS C 246 23.56 17.61 9.90
CA HIS C 246 24.47 18.64 9.30
C HIS C 246 25.78 18.08 8.75
N ALA C 247 26.33 17.09 9.44
CA ALA C 247 27.50 16.39 8.96
C ALA C 247 27.39 15.84 7.56
N LEU C 248 26.18 15.45 7.16
CA LEU C 248 25.99 14.87 5.84
C LEU C 248 25.43 15.89 4.86
N ASP C 249 25.34 17.15 5.30
CA ASP C 249 24.89 18.26 4.46
C ASP C 249 23.41 18.24 4.07
N CYS C 250 22.60 17.60 4.90
CA CYS C 250 21.18 17.59 4.70
C CYS C 250 20.54 18.99 4.77
N SER C 251 19.37 19.18 4.16
CA SER C 251 18.61 20.43 4.36
C SER C 251 17.13 20.28 4.08
N GLY C 252 16.39 21.33 4.40
CA GLY C 252 14.97 21.34 4.30
C GLY C 252 14.38 20.55 5.43
N TRP C 253 14.47 19.21 5.33
CA TRP C 253 13.90 18.33 6.38
C TRP C 253 14.38 16.94 6.22
N GLY C 254 14.17 16.09 7.22
CA GLY C 254 14.65 14.70 7.18
C GLY C 254 14.40 14.05 8.52
N ARG C 255 14.98 12.89 8.72
CA ARG C 255 14.70 12.14 9.93
C ARG C 255 15.92 11.34 10.29
N VAL C 256 16.40 11.46 11.52
CA VAL C 256 17.63 10.74 11.90
C VAL C 256 17.29 9.52 12.73
N ASP C 257 17.92 8.38 12.44
CA ASP C 257 17.63 7.16 13.22
C ASP C 257 18.76 6.83 14.15
N VAL C 258 18.42 6.57 15.40
CA VAL C 258 19.39 6.42 16.44
C VAL C 258 19.04 5.24 17.29
N MET C 259 20.06 4.56 17.80
CA MET C 259 19.83 3.39 18.65
C MET C 259 20.66 3.48 19.96
N GLN C 260 20.16 2.88 21.02
CA GLN C 260 20.91 2.70 22.23
C GLN C 260 21.53 1.32 22.36
N ASP C 261 22.64 1.26 23.10
CA ASP C 261 23.29 0.00 23.60
C ASP C 261 22.80 -0.32 25.00
N ARG C 262 23.14 -1.50 25.51
CA ARG C 262 22.69 -1.96 26.82
C ARG C 262 23.04 -0.94 27.89
N ASP C 263 24.17 -0.26 27.69
CA ASP C 263 24.69 0.75 28.63
C ASP C 263 24.19 2.20 28.47
N GLY C 264 23.16 2.45 27.66
CA GLY C 264 22.55 3.79 27.54
C GLY C 264 23.12 4.85 26.59
N HIS C 265 24.16 4.55 25.83
CA HIS C 265 24.68 5.54 24.85
C HIS C 265 23.91 5.41 23.53
N PHE C 266 23.78 6.56 22.87
CA PHE C 266 23.19 6.66 21.54
C PHE C 266 24.23 6.43 20.45
N TYR C 267 23.86 5.62 19.45
CA TYR C 267 24.62 5.43 18.21
C TYR C 267 23.75 5.75 17.01
N LEU C 268 24.34 6.42 16.04
CA LEU C 268 23.62 6.89 14.88
C LEU C 268 23.54 5.75 13.90
N LEU C 269 22.37 5.55 13.28
CA LEU C 269 22.23 4.48 12.26
C LEU C 269 22.17 5.10 10.92
N GLU C 270 21.30 6.09 10.72
CA GLU C 270 21.05 6.61 9.39
C GLU C 270 20.27 7.89 9.40
N VAL C 271 20.45 8.65 8.33
CA VAL C 271 19.62 9.81 8.01
C VAL C 271 18.76 9.50 6.78
N ASN C 272 17.47 9.74 6.88
CA ASN C 272 16.55 9.54 5.76
C ASN C 272 16.12 10.86 5.16
N THR C 273 16.38 11.02 3.86
CA THR C 273 16.18 12.31 3.19
C THR C 273 14.87 12.45 2.42
N SER C 274 14.01 11.42 2.33
CA SER C 274 12.56 11.70 1.96
C SER C 274 11.51 10.93 2.72
N PRO C 275 11.35 11.22 4.00
CA PRO C 275 10.62 10.23 4.78
C PRO C 275 9.14 10.21 4.45
N GLY C 276 8.46 9.21 5.00
CA GLY C 276 7.04 8.98 4.83
C GLY C 276 6.20 10.10 5.34
N MET C 277 5.13 10.44 4.58
CA MET C 277 4.21 11.49 4.94
C MET C 277 2.77 11.03 4.94
N THR C 278 2.54 9.76 5.23
CA THR C 278 1.17 9.36 5.47
C THR C 278 0.72 10.04 6.72
N SER C 279 -0.56 9.93 7.06
CA SER C 279 -1.12 10.75 8.12
C SER C 279 -0.59 10.33 9.46
N HIS C 280 -0.19 9.06 9.55
CA HIS C 280 0.45 8.51 10.74
C HIS C 280 1.86 7.95 10.48
N SER C 281 2.61 8.62 9.64
CA SER C 281 4.03 8.36 9.49
C SER C 281 4.78 9.12 10.60
N LEU C 282 5.96 8.65 10.94
CA LEU C 282 6.84 9.28 11.94
C LEU C 282 7.01 10.77 11.90
N VAL C 283 7.32 11.36 10.74
CA VAL C 283 7.47 12.84 10.79
C VAL C 283 6.16 13.54 11.16
N PRO C 284 5.05 13.14 10.52
CA PRO C 284 3.83 13.88 10.89
C PRO C 284 3.53 13.73 12.38
N MET C 285 3.76 12.55 12.89
CA MET C 285 3.51 12.28 14.27
C MET C 285 4.39 13.16 15.21
N ALA C 286 5.67 13.32 14.91
CA ALA C 286 6.51 14.23 15.68
C ALA C 286 6.09 15.66 15.50
N ALA C 287 5.61 15.98 14.31
CA ALA C 287 5.18 17.36 14.07
C ALA C 287 3.93 17.66 14.89
N ARG C 288 3.04 16.72 15.01
CA ARG C 288 1.85 16.94 15.82
C ARG C 288 2.28 17.15 17.28
N GLN C 289 3.12 16.28 17.82
CA GLN C 289 3.64 16.46 19.19
C GLN C 289 4.35 17.81 19.43
N TYR C 290 5.05 18.29 18.40
CA TYR C 290 5.66 19.63 18.44
C TYR C 290 4.65 20.75 18.46
N GLY C 291 3.42 20.46 17.99
CA GLY C 291 2.39 21.47 17.90
C GLY C 291 2.03 21.96 16.50
N LEU C 292 2.46 21.26 15.45
CA LEU C 292 2.06 21.57 14.10
C LEU C 292 0.98 20.63 13.53
N SER C 293 -0.01 21.22 12.86
CA SER C 293 -0.90 20.43 12.04
C SER C 293 -0.16 19.91 10.81
N PHE C 294 -0.73 18.87 10.23
CA PHE C 294 -0.19 18.30 9.02
C PHE C 294 -0.10 19.39 7.90
N SER C 295 -1.14 20.21 7.76
CA SER C 295 -1.11 21.26 6.78
C SER C 295 0.05 22.21 7.03
N GLN C 296 0.31 22.57 8.27
CA GLN C 296 1.36 23.50 8.54
C GLN C 296 2.70 22.84 8.30
N LEU C 297 2.79 21.57 8.62
CA LEU C 297 4.02 20.86 8.35
C LEU C 297 4.44 20.94 6.89
N VAL C 298 3.49 20.66 6.00
CA VAL C 298 3.85 20.56 4.58
C VAL C 298 4.01 21.95 4.00
N ALA C 299 3.33 22.92 4.57
CA ALA C 299 3.54 24.30 4.15
C ALA C 299 4.92 24.74 4.55
N ARG C 300 5.37 24.31 5.73
CA ARG C 300 6.70 24.67 6.16
C ARG C 300 7.76 23.96 5.32
N ILE C 301 7.58 22.67 5.04
CA ILE C 301 8.55 21.99 4.18
C ILE C 301 8.68 22.70 2.82
N LEU C 302 7.57 23.23 2.29
CA LEU C 302 7.56 23.85 0.97
C LEU C 302 8.20 25.20 1.05
N MET C 303 7.91 25.97 2.08
CA MET C 303 8.60 27.23 2.24
C MET C 303 10.13 27.07 2.32
N LEU C 304 10.63 25.93 2.77
CA LEU C 304 12.06 25.78 3.02
C LEU C 304 12.79 25.41 1.77
N ALA C 305 12.06 25.26 0.67
CA ALA C 305 12.65 24.98 -0.62
C ALA C 305 12.74 26.28 -1.36
N ASP C 306 13.95 26.78 -1.59
CA ASP C 306 14.08 28.12 -2.24
C ASP C 306 15.02 28.06 -3.47
N MET D 1 25.12 -2.38 -36.83
CA MET D 1 24.43 -1.09 -36.56
C MET D 1 24.94 -0.57 -35.21
N ALA D 2 25.77 0.48 -35.30
CA ALA D 2 26.67 0.85 -34.21
C ALA D 2 25.98 1.70 -33.15
N GLU D 3 26.70 1.88 -32.06
CA GLU D 3 26.24 2.71 -30.98
C GLU D 3 26.49 4.17 -31.34
N LYS D 4 25.44 4.97 -31.30
CA LYS D 4 25.51 6.44 -31.46
C LYS D 4 25.98 7.07 -30.12
N VAL D 5 27.17 7.64 -30.12
CA VAL D 5 27.78 8.19 -28.93
C VAL D 5 27.73 9.72 -28.92
N ALA D 6 27.08 10.32 -27.92
CA ALA D 6 27.15 11.76 -27.69
C ALA D 6 28.34 12.21 -26.82
N VAL D 7 29.10 13.16 -27.31
CA VAL D 7 30.14 13.81 -26.54
C VAL D 7 29.63 15.19 -26.08
N LEU D 8 29.30 15.29 -24.78
CA LEU D 8 28.79 16.51 -24.19
C LEU D 8 29.94 17.43 -23.95
N LEU D 9 29.83 18.64 -24.50
CA LEU D 9 30.89 19.62 -24.34
C LEU D 9 30.31 20.99 -24.18
N GLY D 10 31.13 21.87 -23.66
CA GLY D 10 30.75 23.27 -23.64
C GLY D 10 29.96 23.63 -22.43
N GLY D 11 28.65 23.52 -22.49
CA GLY D 11 27.83 23.89 -21.34
C GLY D 11 27.85 25.36 -20.94
N THR D 12 27.52 25.66 -19.70
CA THR D 12 27.21 27.05 -19.34
C THR D 12 27.91 27.47 -18.08
N SER D 13 29.01 26.82 -17.75
CA SER D 13 29.75 27.14 -16.55
C SER D 13 30.90 28.04 -16.92
N ALA D 14 31.58 28.51 -15.90
CA ALA D 14 32.86 29.22 -15.98
C ALA D 14 33.97 28.50 -16.73
N GLU D 15 33.79 27.23 -17.04
CA GLU D 15 34.83 26.47 -17.74
C GLU D 15 34.42 26.13 -19.17
N ARG D 16 33.43 26.82 -19.70
CA ARG D 16 32.96 26.57 -21.06
C ARG D 16 34.05 26.58 -22.12
N GLU D 17 34.88 27.61 -22.11
CA GLU D 17 35.81 27.75 -23.24
C GLU D 17 36.82 26.57 -23.18
N VAL D 18 37.30 26.21 -21.99
CA VAL D 18 38.19 25.05 -21.81
C VAL D 18 37.54 23.71 -22.18
N SER D 19 36.27 23.54 -21.81
CA SER D 19 35.50 22.33 -22.09
C SER D 19 35.16 22.17 -23.57
N LEU D 20 35.10 23.27 -24.32
CA LEU D 20 34.93 23.20 -25.78
C LEU D 20 36.18 22.56 -26.41
N LEU D 21 37.35 23.03 -25.98
CA LEU D 21 38.62 22.43 -26.40
C LEU D 21 38.74 20.90 -26.07
N SER D 22 38.24 20.51 -24.88
CA SER D 22 38.19 19.11 -24.46
C SER D 22 37.22 18.35 -25.31
N GLY D 23 36.03 18.89 -25.46
CA GLY D 23 35.05 18.21 -26.28
C GLY D 23 35.56 17.86 -27.66
N GLN D 24 36.03 18.86 -28.39
CA GLN D 24 36.41 18.63 -29.78
C GLN D 24 37.60 17.67 -29.91
N ALA D 25 38.54 17.73 -28.96
CA ALA D 25 39.65 16.78 -28.93
C ALA D 25 39.16 15.33 -28.72
N VAL D 26 38.27 15.15 -27.72
CA VAL D 26 37.62 13.87 -27.45
C VAL D 26 36.80 13.42 -28.66
N LEU D 27 35.97 14.30 -29.23
CA LEU D 27 35.32 13.98 -30.53
C LEU D 27 36.33 13.38 -31.54
N ALA D 28 37.48 14.04 -31.66
CA ALA D 28 38.45 13.65 -32.70
C ALA D 28 39.10 12.30 -32.37
N GLY D 29 39.57 12.12 -31.13
CA GLY D 29 40.10 10.84 -30.66
C GLY D 29 39.17 9.65 -30.89
N LEU D 30 37.89 9.83 -30.62
CA LEU D 30 36.95 8.70 -30.72
C LEU D 30 36.61 8.31 -32.13
N LYS D 31 36.41 9.31 -32.99
CA LYS D 31 36.18 9.04 -34.43
C LYS D 31 37.40 8.34 -35.03
N GLU D 32 38.59 8.82 -34.63
CA GLU D 32 39.85 8.22 -35.04
C GLU D 32 39.85 6.72 -34.72
N ALA D 33 39.38 6.38 -33.52
CA ALA D 33 39.29 5.00 -33.09
C ALA D 33 38.11 4.23 -33.69
N GLY D 34 37.27 4.86 -34.52
CA GLY D 34 36.19 4.12 -35.24
C GLY D 34 34.81 4.16 -34.59
N ILE D 35 34.60 5.15 -33.72
CA ILE D 35 33.38 5.23 -32.95
C ILE D 35 32.50 6.27 -33.63
N ASP D 36 31.22 5.92 -33.77
CA ASP D 36 30.22 6.79 -34.34
C ASP D 36 29.78 7.86 -33.29
N ALA D 37 30.61 8.92 -33.19
CA ALA D 37 30.49 9.98 -32.17
C ALA D 37 30.11 11.37 -32.74
N TYR D 38 29.36 12.14 -31.95
CA TYR D 38 28.81 13.46 -32.32
C TYR D 38 28.98 14.45 -31.18
N GLY D 39 29.51 15.62 -31.47
CA GLY D 39 29.68 16.67 -30.45
C GLY D 39 28.31 17.25 -30.10
N VAL D 40 28.05 17.49 -28.82
CA VAL D 40 26.78 18.07 -28.35
C VAL D 40 27.12 19.13 -27.34
N ASP D 41 26.89 20.40 -27.76
CA ASP D 41 27.07 21.60 -26.92
C ASP D 41 25.82 21.73 -26.10
N THR D 42 25.97 21.50 -24.80
CA THR D 42 24.83 21.45 -23.91
C THR D 42 24.26 22.84 -23.67
N LYS D 43 25.04 23.88 -24.00
CA LYS D 43 24.50 25.26 -24.03
C LYS D 43 23.26 25.41 -24.95
N ASP D 44 23.25 24.74 -26.10
CA ASP D 44 22.15 24.83 -27.08
C ASP D 44 21.24 23.63 -27.12
N PHE D 45 21.75 22.46 -26.77
CA PHE D 45 20.98 21.23 -26.81
C PHE D 45 20.70 20.77 -25.37
N PRO D 46 19.46 20.42 -25.04
CA PRO D 46 19.20 20.07 -23.64
C PRO D 46 19.40 18.57 -23.36
N VAL D 47 20.22 18.29 -22.36
CA VAL D 47 20.73 16.95 -22.11
C VAL D 47 19.62 15.97 -21.83
N THR D 48 18.48 16.47 -21.38
CA THR D 48 17.31 15.63 -21.18
C THR D 48 16.73 14.99 -22.44
N GLN D 49 17.17 15.39 -23.62
CA GLN D 49 16.55 14.86 -24.85
C GLN D 49 17.44 13.87 -25.59
N LEU D 50 18.61 13.58 -25.00
CA LEU D 50 19.64 12.78 -25.66
C LEU D 50 19.12 11.47 -26.12
N LYS D 51 18.18 10.91 -25.37
CA LYS D 51 17.67 9.59 -25.69
C LYS D 51 16.73 9.74 -26.85
N GLU D 52 15.81 10.70 -26.75
CA GLU D 52 14.87 10.99 -27.84
C GLU D 52 15.61 11.14 -29.16
N GLN D 53 16.81 11.73 -29.11
CA GLN D 53 17.63 11.98 -30.30
C GLN D 53 18.49 10.75 -30.75
N GLY D 54 18.19 9.57 -30.23
CA GLY D 54 18.81 8.34 -30.72
C GLY D 54 20.15 7.95 -30.11
N PHE D 55 20.62 8.70 -29.14
CA PHE D 55 21.88 8.36 -28.57
C PHE D 55 21.78 7.12 -27.67
N ASP D 56 22.89 6.38 -27.58
CA ASP D 56 22.98 5.15 -26.81
C ASP D 56 23.97 5.24 -25.66
N LYS D 57 24.87 6.21 -25.70
CA LYS D 57 25.95 6.28 -24.74
C LYS D 57 26.56 7.68 -24.75
N VAL D 58 27.10 8.16 -23.62
CA VAL D 58 27.55 9.52 -23.48
C VAL D 58 28.99 9.67 -22.98
N PHE D 59 29.78 10.50 -23.66
CA PHE D 59 31.09 10.89 -23.13
C PHE D 59 30.95 12.27 -22.49
N ILE D 60 31.33 12.39 -21.25
CA ILE D 60 31.17 13.65 -20.59
C ILE D 60 32.48 14.39 -20.67
N ALA D 61 32.54 15.46 -21.43
CA ALA D 61 33.70 16.34 -21.41
C ALA D 61 33.34 17.75 -21.00
N LEU D 62 32.30 17.85 -20.17
CA LEU D 62 32.01 19.09 -19.41
C LEU D 62 32.87 19.22 -18.15
N HIS D 63 33.06 20.46 -17.68
CA HIS D 63 33.83 20.75 -16.45
C HIS D 63 33.03 21.65 -15.50
N GLY D 64 33.36 21.57 -14.21
CA GLY D 64 32.69 22.40 -13.21
C GLY D 64 31.18 22.24 -13.10
N ARG D 65 30.53 23.24 -12.53
CA ARG D 65 29.11 23.25 -12.23
C ARG D 65 28.33 22.80 -13.45
N GLY D 66 27.49 21.80 -13.26
CA GLY D 66 26.65 21.20 -14.29
C GLY D 66 27.31 20.06 -15.03
N GLY D 67 28.53 19.70 -14.63
CA GLY D 67 29.26 18.68 -15.38
C GLY D 67 29.93 17.64 -14.56
N GLU D 68 30.65 18.03 -13.50
CA GLU D 68 31.40 17.11 -12.66
C GLU D 68 30.85 17.00 -11.27
N ASP D 69 29.61 17.46 -11.08
CA ASP D 69 29.04 17.68 -9.74
C ASP D 69 27.87 16.77 -9.32
N GLY D 70 27.46 15.86 -10.19
CA GLY D 70 26.42 14.91 -9.83
C GLY D 70 25.11 15.18 -10.52
N THR D 71 24.90 16.43 -10.94
CA THR D 71 23.62 16.88 -11.47
C THR D 71 23.38 16.23 -12.81
N LEU D 72 24.33 16.40 -13.70
CA LEU D 72 24.27 15.73 -15.01
C LEU D 72 24.24 14.24 -14.88
N GLN D 73 25.02 13.71 -13.97
CA GLN D 73 25.02 12.26 -13.73
C GLN D 73 23.63 11.78 -13.30
N GLY D 74 22.97 12.56 -12.45
CA GLY D 74 21.57 12.37 -12.19
C GLY D 74 20.68 12.26 -13.40
N VAL D 75 20.77 13.22 -14.27
CA VAL D 75 19.96 13.19 -15.49
C VAL D 75 20.22 11.94 -16.31
N LEU D 76 21.48 11.57 -16.50
CA LEU D 76 21.78 10.36 -17.31
C LEU D 76 21.34 9.08 -16.61
N GLU D 77 21.40 9.06 -15.26
CA GLU D 77 20.85 7.92 -14.53
C GLU D 77 19.37 7.81 -14.84
N PHE D 78 18.65 8.91 -14.75
CA PHE D 78 17.20 8.84 -15.01
C PHE D 78 16.86 8.40 -16.44
N LEU D 79 17.58 8.91 -17.43
CA LEU D 79 17.49 8.45 -18.82
C LEU D 79 18.06 7.06 -19.08
N GLN D 80 18.86 6.57 -18.16
CA GLN D 80 19.40 5.20 -18.22
C GLN D 80 20.37 5.11 -19.35
N LEU D 81 21.25 6.09 -19.46
CA LEU D 81 22.27 6.10 -20.46
C LEU D 81 23.58 5.91 -19.76
N PRO D 82 24.31 4.87 -20.18
CA PRO D 82 25.67 4.66 -19.71
C PRO D 82 26.51 5.91 -20.01
N TYR D 83 27.40 6.28 -19.12
CA TYR D 83 28.20 7.46 -19.30
C TYR D 83 29.58 7.25 -18.73
N THR D 84 30.52 8.06 -19.18
CA THR D 84 31.88 8.02 -18.66
C THR D 84 31.99 8.68 -17.31
N GLY D 85 33.03 8.35 -16.59
CA GLY D 85 33.29 8.96 -15.29
C GLY D 85 32.48 8.40 -14.13
N SER D 86 32.66 9.06 -12.99
CA SER D 86 32.02 8.70 -11.76
C SER D 86 30.50 8.93 -11.72
N GLY D 87 29.83 8.20 -10.84
CA GLY D 87 28.38 8.28 -10.72
C GLY D 87 27.99 9.45 -9.85
N VAL D 88 26.74 9.44 -9.39
CA VAL D 88 26.19 10.62 -8.74
C VAL D 88 26.90 10.93 -7.44
N MET D 89 26.98 9.97 -6.57
CA MET D 89 27.56 10.18 -5.27
C MET D 89 28.99 10.70 -5.34
N ALA D 90 29.83 10.00 -6.07
CA ALA D 90 31.23 10.37 -6.21
C ALA D 90 31.39 11.71 -6.92
N SER D 91 30.61 11.97 -7.98
CA SER D 91 30.81 13.24 -8.68
C SER D 91 30.62 14.41 -7.72
N ALA D 92 29.56 14.30 -6.90
CA ALA D 92 29.11 15.35 -5.97
C ALA D 92 29.98 15.50 -4.71
N LEU D 93 30.49 14.39 -4.21
CA LEU D 93 31.32 14.35 -3.01
C LEU D 93 32.71 14.95 -3.22
N THR D 94 33.29 14.66 -4.38
CA THR D 94 34.57 15.24 -4.80
C THR D 94 34.54 16.75 -4.90
N MET D 95 33.37 17.34 -5.12
CA MET D 95 33.21 18.81 -5.01
C MET D 95 33.31 19.36 -3.58
N ASP D 96 33.26 18.51 -2.58
CA ASP D 96 33.04 19.01 -1.23
C ASP D 96 34.29 18.66 -0.46
N LYS D 97 35.17 19.64 -0.32
CA LYS D 97 36.49 19.34 0.18
C LYS D 97 36.40 18.87 1.60
N LEU D 98 35.55 19.51 2.40
CA LEU D 98 35.34 19.05 3.77
C LEU D 98 34.98 17.57 3.83
N ARG D 99 34.00 17.10 3.10
CA ARG D 99 33.58 15.70 3.30
C ARG D 99 34.50 14.70 2.66
N THR D 100 35.06 15.07 1.54
CA THR D 100 36.18 14.35 0.97
C THR D 100 37.26 14.11 2.07
N LYS D 101 37.70 15.14 2.78
CA LYS D 101 38.72 14.97 3.81
C LYS D 101 38.24 14.08 4.93
N LEU D 102 36.99 14.26 5.37
CA LEU D 102 36.46 13.44 6.46
C LEU D 102 36.47 11.95 6.10
N VAL D 103 36.06 11.64 4.88
CA VAL D 103 36.16 10.26 4.44
C VAL D 103 37.59 9.77 4.53
N TRP D 104 38.49 10.46 3.84
CA TRP D 104 39.89 10.05 3.80
C TRP D 104 40.46 9.90 5.21
N GLN D 105 40.13 10.83 6.06
CA GLN D 105 40.62 10.88 7.42
C GLN D 105 40.24 9.60 8.18
N ALA D 106 38.96 9.24 8.11
CA ALA D 106 38.45 8.08 8.82
C ALA D 106 39.01 6.76 8.28
N LEU D 107 39.41 6.70 7.03
CA LEU D 107 40.12 5.55 6.52
C LEU D 107 41.63 5.56 6.88
N GLY D 108 42.12 6.60 7.58
CA GLY D 108 43.56 6.73 7.87
C GLY D 108 44.46 7.07 6.68
N LEU D 109 43.94 7.78 5.68
CA LEU D 109 44.72 8.24 4.55
C LEU D 109 45.24 9.63 4.86
N PRO D 110 46.38 10.03 4.26
CA PRO D 110 47.04 11.29 4.64
C PRO D 110 46.46 12.56 4.06
N ILE D 111 46.20 13.52 4.95
CA ILE D 111 45.73 14.83 4.57
C ILE D 111 46.41 15.86 5.44
N SER D 112 46.53 17.07 4.91
CA SER D 112 47.08 18.18 5.66
C SER D 112 46.24 18.35 6.94
N PRO D 113 46.90 18.49 8.10
CA PRO D 113 46.12 18.79 9.31
C PRO D 113 45.35 20.12 9.13
N TYR D 114 44.18 20.23 9.75
CA TYR D 114 43.27 21.30 9.38
C TYR D 114 42.19 21.51 10.41
N VAL D 115 41.41 22.55 10.17
CA VAL D 115 40.31 22.95 11.01
C VAL D 115 39.27 23.57 10.09
N ALA D 116 38.01 23.22 10.37
CA ALA D 116 36.86 23.65 9.60
C ALA D 116 36.02 24.60 10.41
N LEU D 117 35.44 25.58 9.72
CA LEU D 117 34.61 26.60 10.34
C LEU D 117 33.37 26.84 9.54
N ASN D 118 32.22 26.78 10.22
CA ASN D 118 30.97 27.20 9.59
C ASN D 118 30.71 28.69 9.78
N ARG D 119 29.77 29.20 8.99
CA ARG D 119 29.45 30.64 8.89
C ARG D 119 29.00 31.29 10.22
N GLN D 120 28.48 30.49 11.14
CA GLN D 120 28.00 31.01 12.42
C GLN D 120 29.08 31.09 13.50
N GLN D 121 30.06 30.18 13.47
CA GLN D 121 31.23 30.27 14.36
C GLN D 121 32.16 31.42 13.96
N PHE D 122 32.09 31.76 12.69
CA PHE D 122 32.74 32.94 12.17
C PHE D 122 32.13 34.18 12.85
N GLU D 123 30.80 34.19 13.01
CA GLU D 123 30.08 35.26 13.70
C GLU D 123 30.05 35.16 15.24
N THR D 124 30.15 33.95 15.80
CA THR D 124 30.33 33.78 17.26
C THR D 124 31.70 34.31 17.68
N LEU D 125 32.75 33.77 17.07
CA LEU D 125 34.08 33.91 17.64
C LEU D 125 34.76 35.24 17.23
N SER D 126 35.51 35.82 18.16
CA SER D 126 36.24 37.08 17.96
C SER D 126 37.61 36.75 17.42
N PRO D 127 38.19 37.68 16.66
CA PRO D 127 39.41 37.43 15.83
C PRO D 127 40.50 36.63 16.52
N GLU D 128 40.64 36.84 17.84
CA GLU D 128 41.63 36.14 18.66
C GLU D 128 41.22 34.72 18.99
N GLU D 129 39.93 34.51 19.30
CA GLU D 129 39.39 33.13 19.47
C GLU D 129 39.71 32.28 18.24
N LEU D 130 39.62 32.90 17.06
CA LEU D 130 39.90 32.23 15.78
C LEU D 130 41.37 31.82 15.68
N VAL D 131 42.26 32.80 15.91
CA VAL D 131 43.71 32.57 15.98
C VAL D 131 44.09 31.38 16.87
N ALA D 132 43.62 31.39 18.11
CA ALA D 132 43.88 30.26 19.00
C ALA D 132 43.20 29.00 18.50
N CYS D 133 42.11 29.14 17.75
CA CYS D 133 41.46 27.98 17.11
C CYS D 133 42.40 27.31 16.09
N VAL D 134 43.14 28.12 15.33
CA VAL D 134 44.09 27.59 14.34
C VAL D 134 45.53 27.45 14.89
N ALA D 135 45.67 27.73 16.19
CA ALA D 135 46.99 27.93 16.77
C ALA D 135 47.83 26.72 16.52
N LYS D 136 47.23 25.54 16.75
CA LYS D 136 47.93 24.26 16.69
C LYS D 136 48.45 23.88 15.29
N LEU D 137 48.01 24.58 14.25
CA LEU D 137 48.43 24.29 12.87
C LEU D 137 49.76 24.93 12.48
N GLY D 138 50.20 25.94 13.26
CA GLY D 138 51.47 26.60 13.03
C GLY D 138 51.24 27.65 11.98
N LEU D 139 52.32 28.12 11.38
CA LEU D 139 52.29 29.06 10.23
C LEU D 139 53.29 28.60 9.18
N PRO D 140 53.09 28.92 7.89
CA PRO D 140 51.93 29.55 7.29
C PRO D 140 50.75 28.59 7.10
N LEU D 141 49.66 29.18 6.57
CA LEU D 141 48.36 28.51 6.43
C LEU D 141 47.74 28.83 5.10
N ILE D 142 46.97 27.87 4.61
CA ILE D 142 46.08 28.13 3.51
C ILE D 142 44.65 28.13 4.04
N VAL D 143 43.90 29.11 3.55
CA VAL D 143 42.49 29.30 3.82
C VAL D 143 41.71 29.15 2.52
N LYS D 144 40.69 28.27 2.54
CA LYS D 144 39.87 28.08 1.34
C LYS D 144 38.42 27.73 1.59
N PRO D 145 37.54 28.14 0.68
CA PRO D 145 36.19 27.61 0.58
C PRO D 145 36.16 26.06 0.62
N SER D 146 35.21 25.48 1.35
CA SER D 146 34.97 24.05 1.24
C SER D 146 34.52 23.57 -0.16
N HIS D 147 33.68 24.34 -0.87
CA HIS D 147 33.24 24.02 -2.27
C HIS D 147 34.01 24.79 -3.37
N GLU D 148 34.19 24.16 -4.53
CA GLU D 148 34.81 24.79 -5.73
C GLU D 148 34.07 26.05 -6.19
N SER D 151 39.22 28.03 -7.15
CA SER D 151 40.16 29.05 -7.57
C SER D 151 40.04 30.34 -6.71
N VAL D 152 38.82 30.81 -6.52
CA VAL D 152 38.57 32.07 -5.79
C VAL D 152 38.38 31.82 -4.29
N GLY D 153 38.77 32.82 -3.48
CA GLY D 153 38.62 32.76 -2.02
C GLY D 153 39.84 32.27 -1.21
N MET D 154 40.79 31.65 -1.92
CA MET D 154 41.97 31.08 -1.28
C MET D 154 42.96 32.16 -0.85
N SER D 155 43.67 31.91 0.24
CA SER D 155 44.70 32.83 0.69
C SER D 155 45.82 32.11 1.45
N LYS D 156 47.06 32.49 1.15
CA LYS D 156 48.17 32.12 2.00
C LYS D 156 48.24 33.16 3.13
N VAL D 157 47.96 32.69 4.34
CA VAL D 157 48.12 33.46 5.57
C VAL D 157 49.51 33.17 6.17
N ASP D 158 50.27 34.24 6.43
CA ASP D 158 51.70 34.17 6.90
C ASP D 158 51.93 34.60 8.35
N HIS D 159 51.08 35.48 8.88
CA HIS D 159 51.09 35.86 10.31
C HIS D 159 49.63 35.88 10.83
N ALA D 160 49.44 35.64 12.12
CA ALA D 160 48.09 35.56 12.68
C ALA D 160 47.21 36.79 12.31
N SER D 161 47.82 37.96 12.19
CA SER D 161 47.09 39.22 11.92
C SER D 161 46.38 39.27 10.55
N GLU D 162 46.75 38.39 9.63
CA GLU D 162 46.21 38.38 8.28
C GLU D 162 45.04 37.40 8.17
N LEU D 163 44.75 36.70 9.28
CA LEU D 163 43.82 35.57 9.30
C LEU D 163 42.39 35.97 8.97
N GLN D 164 41.88 36.93 9.76
CA GLN D 164 40.54 37.45 9.58
C GLN D 164 40.25 37.76 8.13
N LYS D 165 41.14 38.55 7.57
CA LYS D 165 40.93 39.15 6.28
C LYS D 165 40.68 38.04 5.29
N ALA D 166 41.47 36.97 5.37
CA ALA D 166 41.32 35.87 4.42
C ALA D 166 40.07 35.05 4.73
N LEU D 167 39.69 34.95 6.02
CA LEU D 167 38.42 34.36 6.41
C LEU D 167 37.21 35.12 5.82
N VAL D 168 37.23 36.44 5.91
CA VAL D 168 36.18 37.29 5.32
C VAL D 168 36.08 37.09 3.81
N GLU D 169 37.22 37.12 3.16
CA GLU D 169 37.39 36.81 1.74
C GLU D 169 36.84 35.43 1.40
N ALA D 170 37.03 34.49 2.32
CA ALA D 170 36.61 33.09 2.14
C ALA D 170 35.11 32.88 2.29
N PHE D 171 34.45 33.71 3.09
CA PHE D 171 33.03 33.54 3.37
C PHE D 171 32.12 34.36 2.47
N GLN D 172 32.62 34.84 1.34
CA GLN D 172 31.82 35.49 0.30
C GLN D 172 31.24 34.46 -0.67
N HIS D 173 31.75 33.23 -0.57
CA HIS D 173 31.55 32.21 -1.58
C HIS D 173 30.95 30.93 -1.01
N ASP D 174 31.06 30.74 0.29
CA ASP D 174 30.77 29.46 0.90
C ASP D 174 30.45 29.72 2.34
N SER D 175 29.61 28.87 2.95
CA SER D 175 29.32 28.98 4.39
C SER D 175 30.16 28.02 5.22
N ASP D 176 30.98 27.21 4.55
CA ASP D 176 31.90 26.26 5.19
C ASP D 176 33.33 26.57 4.70
N VAL D 177 34.29 26.65 5.63
CA VAL D 177 35.66 27.05 5.31
C VAL D 177 36.73 26.16 5.93
N LEU D 178 37.77 25.98 5.13
CA LEU D 178 38.88 25.14 5.48
C LEU D 178 40.13 25.96 5.78
N ILE D 179 40.76 25.62 6.90
CA ILE D 179 42.06 26.17 7.26
C ILE D 179 43.11 25.05 7.41
N GLU D 180 44.09 25.03 6.50
CA GLU D 180 45.05 23.91 6.38
C GLU D 180 46.51 24.31 6.73
N LYS D 181 47.28 23.39 7.29
CA LYS D 181 48.72 23.60 7.42
C LYS D 181 49.28 23.66 6.00
N TRP D 182 49.99 24.74 5.71
CA TRP D 182 50.75 24.93 4.49
C TRP D 182 51.72 23.77 4.24
N LEU D 183 51.80 23.32 2.99
CA LEU D 183 52.70 22.22 2.59
C LEU D 183 53.76 22.68 1.60
N SER D 184 55.00 22.23 1.85
CA SER D 184 56.15 22.76 1.13
C SER D 184 56.13 22.31 -0.34
N GLY D 185 55.70 21.10 -0.60
CA GLY D 185 55.65 20.64 -1.98
C GLY D 185 56.80 19.68 -2.15
N PRO D 186 57.02 19.19 -3.37
CA PRO D 186 56.27 19.55 -4.57
C PRO D 186 54.89 18.89 -4.70
N GLU D 187 54.21 19.26 -5.77
CA GLU D 187 52.84 18.88 -6.04
C GLU D 187 52.82 17.96 -7.26
N PHE D 188 52.04 16.89 -7.13
CA PHE D 188 51.92 15.89 -8.19
C PHE D 188 50.48 15.64 -8.55
N THR D 189 50.32 14.96 -9.64
CA THR D 189 49.01 14.60 -10.09
C THR D 189 49.10 13.21 -10.71
N VAL D 190 48.02 12.46 -10.61
CA VAL D 190 48.01 11.06 -10.92
C VAL D 190 46.69 10.70 -11.57
N ALA D 191 46.76 10.31 -12.82
CA ALA D 191 45.59 9.99 -13.60
C ALA D 191 45.27 8.54 -13.39
N ILE D 192 43.97 8.21 -13.51
CA ILE D 192 43.45 6.88 -13.23
C ILE D 192 42.44 6.53 -14.30
N LEU D 193 42.61 5.33 -14.82
CA LEU D 193 41.85 4.86 -15.94
C LEU D 193 41.38 3.44 -15.60
N GLY D 194 40.11 3.32 -15.25
CA GLY D 194 39.60 2.12 -14.62
C GLY D 194 40.32 1.85 -13.31
N ASP D 195 41.10 0.79 -13.26
CA ASP D 195 41.81 0.49 -12.03
C ASP D 195 43.33 0.62 -12.24
N GLU D 196 43.75 1.07 -13.43
CA GLU D 196 45.17 1.38 -13.73
C GLU D 196 45.53 2.84 -13.40
N VAL D 197 46.64 2.99 -12.69
CA VAL D 197 47.20 4.26 -12.36
C VAL D 197 48.14 4.60 -13.49
N LEU D 198 48.15 5.85 -13.93
CA LEU D 198 49.13 6.31 -14.93
C LEU D 198 50.34 6.92 -14.26
N PRO D 199 51.39 7.21 -15.04
CA PRO D 199 52.55 7.95 -14.54
C PRO D 199 52.24 9.35 -14.01
N SER D 200 52.73 9.59 -12.80
CA SER D 200 52.61 10.87 -12.18
C SER D 200 53.26 11.94 -13.01
N ILE D 201 52.79 13.14 -12.77
CA ILE D 201 53.37 14.31 -13.28
C ILE D 201 53.61 15.26 -12.11
N ARG D 202 54.77 15.91 -12.09
CA ARG D 202 55.09 16.92 -11.10
C ARG D 202 54.78 18.26 -11.67
N ILE D 203 54.07 19.08 -10.90
CA ILE D 203 53.76 20.45 -11.28
C ILE D 203 54.66 21.41 -10.50
N GLN D 204 55.19 22.40 -11.24
CA GLN D 204 55.77 23.60 -10.64
C GLN D 204 55.03 24.81 -11.23
N PRO D 205 54.06 25.36 -10.47
CA PRO D 205 53.33 26.49 -11.04
C PRO D 205 54.20 27.75 -11.07
N PRO D 206 53.81 28.77 -11.88
CA PRO D 206 54.58 30.02 -11.93
C PRO D 206 54.84 30.63 -10.54
N GLY D 207 53.83 30.60 -9.66
CA GLY D 207 53.98 31.03 -8.27
C GLY D 207 53.21 30.13 -7.29
N VAL D 208 52.46 30.74 -6.38
CA VAL D 208 51.65 30.01 -5.39
C VAL D 208 50.34 29.50 -6.04
N PHE D 209 49.93 28.27 -5.70
CA PHE D 209 48.74 27.57 -6.25
C PHE D 209 49.01 26.92 -7.63
N ASP D 219 51.52 31.20 -17.23
CA ASP D 219 51.97 30.81 -18.54
C ASP D 219 53.46 30.41 -18.64
N LYS D 220 54.12 30.29 -17.49
CA LYS D 220 55.51 29.78 -17.43
C LYS D 220 55.49 28.50 -16.60
N THR D 221 54.41 27.73 -16.68
CA THR D 221 54.21 26.61 -15.76
C THR D 221 55.04 25.40 -16.20
N GLN D 222 55.52 24.63 -15.23
CA GLN D 222 56.40 23.51 -15.52
C GLN D 222 55.83 22.14 -15.10
N TYR D 223 55.87 21.19 -16.03
CA TYR D 223 55.50 19.82 -15.80
C TYR D 223 56.70 18.90 -16.05
N PHE D 224 56.95 18.03 -15.08
CA PHE D 224 58.02 17.08 -15.19
C PHE D 224 57.43 15.68 -15.20
N CYS D 225 57.26 15.14 -16.40
CA CYS D 225 57.09 13.71 -16.60
C CYS D 225 58.42 13.24 -17.20
N PRO D 226 59.19 12.39 -16.49
CA PRO D 226 58.87 11.74 -15.21
C PRO D 226 58.92 12.68 -14.00
N SER D 227 58.08 12.41 -13.00
CA SER D 227 58.01 13.18 -11.76
C SER D 227 59.36 13.42 -11.06
N GLY D 228 60.32 12.54 -11.37
CA GLY D 228 61.63 12.56 -10.74
C GLY D 228 61.67 11.70 -9.50
N LEU D 229 60.60 10.96 -9.23
CA LEU D 229 60.58 10.09 -8.06
C LEU D 229 61.15 8.71 -8.38
N SER D 230 61.65 8.04 -7.35
CA SER D 230 62.10 6.62 -7.46
C SER D 230 60.96 5.64 -7.79
N ASP D 231 61.25 4.60 -8.55
CA ASP D 231 60.31 3.51 -8.76
C ASP D 231 59.55 3.26 -7.46
N GLU D 232 60.27 3.16 -6.35
CA GLU D 232 59.66 2.83 -5.08
C GLU D 232 58.64 3.89 -4.60
N SER D 233 59.03 5.16 -4.68
CA SER D 233 58.13 6.25 -4.34
C SER D 233 56.92 6.36 -5.33
N GLU D 234 57.10 6.00 -6.60
CA GLU D 234 56.01 6.05 -7.57
C GLU D 234 54.91 5.06 -7.21
N GLN D 235 55.33 3.85 -6.89
CA GLN D 235 54.39 2.80 -6.65
C GLN D 235 53.63 3.10 -5.38
N GLN D 236 54.27 3.74 -4.40
CA GLN D 236 53.59 4.16 -3.17
C GLN D 236 52.53 5.19 -3.45
N LEU D 237 52.92 6.17 -4.25
CA LEU D 237 52.03 7.20 -4.68
C LEU D 237 50.84 6.62 -5.44
N ALA D 238 51.15 5.77 -6.38
CA ALA D 238 50.13 5.08 -7.14
C ALA D 238 49.10 4.40 -6.21
N ALA D 239 49.59 3.66 -5.22
CA ALA D 239 48.71 2.90 -4.38
C ALA D 239 47.86 3.88 -3.56
N LEU D 240 48.46 4.99 -3.19
CA LEU D 240 47.79 5.99 -2.40
C LEU D 240 46.69 6.62 -3.26
N ALA D 241 46.99 6.86 -4.51
CA ALA D 241 46.05 7.54 -5.36
C ALA D 241 44.85 6.62 -5.54
N LEU D 242 45.14 5.36 -5.80
CA LEU D 242 44.10 4.40 -6.07
C LEU D 242 43.13 4.33 -4.88
N GLN D 243 43.66 4.21 -3.69
CA GLN D 243 42.86 4.12 -2.49
C GLN D 243 42.01 5.33 -2.26
N ALA D 244 42.56 6.49 -2.60
CA ALA D 244 41.89 7.75 -2.39
C ALA D 244 40.65 7.88 -3.32
N TYR D 245 40.82 7.39 -4.54
CA TYR D 245 39.83 7.39 -5.58
C TYR D 245 38.71 6.38 -5.25
N HIS D 246 39.06 5.18 -4.81
CA HIS D 246 38.09 4.18 -4.34
C HIS D 246 37.43 4.61 -3.06
N ALA D 247 38.15 5.28 -2.19
CA ALA D 247 37.52 5.76 -0.98
C ALA D 247 36.30 6.62 -1.27
N LEU D 248 36.27 7.29 -2.42
CA LEU D 248 35.20 8.21 -2.72
C LEU D 248 34.18 7.59 -3.68
N ASP D 249 34.36 6.32 -4.02
CA ASP D 249 33.44 5.61 -4.91
C ASP D 249 33.50 6.08 -6.32
N CYS D 250 34.68 6.58 -6.71
CA CYS D 250 34.92 7.03 -8.07
C CYS D 250 35.04 5.82 -8.97
N SER D 251 34.76 6.01 -10.25
CA SER D 251 34.91 4.95 -11.24
C SER D 251 35.09 5.53 -12.69
N GLY D 252 35.43 4.65 -13.62
CA GLY D 252 35.63 5.02 -15.00
C GLY D 252 37.00 5.67 -15.18
N TRP D 253 37.14 6.89 -14.67
CA TRP D 253 38.42 7.60 -14.68
C TRP D 253 38.39 8.89 -13.89
N GLY D 254 39.57 9.43 -13.64
CA GLY D 254 39.69 10.65 -12.87
C GLY D 254 41.14 11.03 -12.65
N ARG D 255 41.36 12.01 -11.76
CA ARG D 255 42.68 12.56 -11.56
C ARG D 255 42.85 12.88 -10.12
N VAL D 256 43.85 12.31 -9.45
CA VAL D 256 44.07 12.59 -8.01
C VAL D 256 45.17 13.64 -7.94
N ASP D 257 44.99 14.65 -7.08
CA ASP D 257 45.95 15.73 -6.91
C ASP D 257 46.57 15.57 -5.55
N VAL D 258 47.90 15.66 -5.46
CA VAL D 258 48.66 15.30 -4.27
C VAL D 258 49.86 16.24 -4.06
N MET D 259 50.28 16.39 -2.80
CA MET D 259 51.40 17.24 -2.42
C MET D 259 52.30 16.61 -1.34
N GLN D 260 53.58 16.99 -1.33
CA GLN D 260 54.51 16.52 -0.28
C GLN D 260 54.74 17.53 0.83
N ASP D 261 55.08 17.03 2.04
CA ASP D 261 55.54 17.90 3.16
C ASP D 261 57.04 18.10 3.05
N ARG D 262 57.60 18.82 4.03
CA ARG D 262 59.03 18.81 4.29
C ARG D 262 59.61 17.40 4.23
N ASP D 263 59.06 16.45 4.99
CA ASP D 263 59.72 15.12 5.12
C ASP D 263 59.57 14.12 3.95
N GLY D 264 58.84 14.50 2.91
CA GLY D 264 58.65 13.64 1.73
C GLY D 264 57.38 12.80 1.73
N HIS D 265 56.55 12.91 2.76
CA HIS D 265 55.24 12.21 2.78
C HIS D 265 54.26 12.85 1.84
N PHE D 266 53.48 12.02 1.16
CA PHE D 266 52.42 12.49 0.30
C PHE D 266 51.18 12.83 1.13
N TYR D 267 50.40 13.80 0.65
CA TYR D 267 49.15 14.18 1.26
C TYR D 267 48.14 14.43 0.18
N LEU D 268 46.92 13.95 0.41
CA LEU D 268 45.94 14.00 -0.62
C LEU D 268 45.26 15.34 -0.54
N LEU D 269 44.94 15.92 -1.69
CA LEU D 269 44.29 17.22 -1.78
C LEU D 269 42.90 17.08 -2.28
N GLU D 270 42.73 16.48 -3.45
CA GLU D 270 41.42 16.43 -4.07
C GLU D 270 41.38 15.40 -5.18
N VAL D 271 40.16 14.99 -5.59
CA VAL D 271 39.98 14.11 -6.75
C VAL D 271 39.07 14.81 -7.72
N ASN D 272 39.46 14.80 -8.99
CA ASN D 272 38.68 15.41 -10.02
C ASN D 272 38.05 14.40 -10.93
N THR D 273 36.73 14.52 -11.10
CA THR D 273 35.88 13.54 -11.80
C THR D 273 35.45 13.88 -13.26
N SER D 274 35.77 15.07 -13.76
CA SER D 274 35.82 15.34 -15.26
C SER D 274 37.06 16.20 -15.65
N PRO D 275 38.24 15.58 -15.75
CA PRO D 275 39.46 16.31 -16.11
C PRO D 275 39.48 16.93 -17.52
N GLY D 276 40.41 17.86 -17.68
CA GLY D 276 40.61 18.53 -18.93
C GLY D 276 41.19 17.56 -19.92
N MET D 277 40.66 17.61 -21.13
CA MET D 277 41.22 16.88 -22.22
C MET D 277 41.75 17.79 -23.34
N THR D 278 42.41 18.88 -22.97
CA THR D 278 43.10 19.68 -23.98
C THR D 278 44.55 19.23 -24.15
N SER D 279 45.19 19.78 -25.18
CA SER D 279 46.62 19.54 -25.41
C SER D 279 47.56 20.11 -24.33
N HIS D 280 47.12 21.16 -23.65
CA HIS D 280 47.75 21.62 -22.40
C HIS D 280 47.54 20.64 -21.20
N SER D 281 46.54 19.75 -21.29
CA SER D 281 46.00 19.07 -20.08
C SER D 281 46.79 17.88 -19.55
N LEU D 282 46.69 17.69 -18.24
CA LEU D 282 47.53 16.74 -17.53
C LEU D 282 47.21 15.28 -17.87
N VAL D 283 45.94 14.95 -17.98
CA VAL D 283 45.56 13.56 -18.30
C VAL D 283 46.13 13.13 -19.65
N PRO D 284 45.92 13.93 -20.72
CA PRO D 284 46.56 13.55 -21.98
C PRO D 284 48.07 13.52 -21.85
N MET D 285 48.63 14.38 -21.04
CA MET D 285 50.04 14.24 -20.79
C MET D 285 50.37 12.83 -20.31
N ALA D 286 49.80 12.43 -19.17
CA ALA D 286 50.18 11.15 -18.53
C ALA D 286 49.92 9.94 -19.40
N ALA D 287 48.97 10.05 -20.31
CA ALA D 287 48.60 8.94 -21.13
C ALA D 287 49.68 8.72 -22.19
N ARG D 288 50.10 9.81 -22.82
CA ARG D 288 51.24 9.74 -23.71
C ARG D 288 52.40 9.11 -22.96
N GLN D 289 52.83 9.67 -21.83
CA GLN D 289 53.88 9.01 -21.03
C GLN D 289 53.67 7.47 -20.75
N TYR D 290 52.41 7.02 -20.68
CA TYR D 290 52.08 5.59 -20.54
C TYR D 290 52.16 4.81 -21.84
N GLY D 291 52.17 5.51 -22.97
CA GLY D 291 52.35 4.86 -24.24
C GLY D 291 51.12 4.97 -25.10
N LEU D 292 50.07 5.65 -24.61
CA LEU D 292 48.81 5.73 -25.38
C LEU D 292 48.69 6.93 -26.28
N SER D 293 48.16 6.68 -27.47
CA SER D 293 47.68 7.76 -28.32
C SER D 293 46.59 8.48 -27.56
N PHE D 294 46.28 9.71 -27.95
CA PHE D 294 45.13 10.39 -27.33
C PHE D 294 43.82 9.69 -27.77
N SER D 295 43.82 9.16 -28.98
CA SER D 295 42.65 8.42 -29.45
C SER D 295 42.40 7.15 -28.62
N GLN D 296 43.47 6.53 -28.15
CA GLN D 296 43.35 5.28 -27.41
C GLN D 296 42.87 5.54 -25.99
N LEU D 297 43.31 6.67 -25.46
CA LEU D 297 42.91 7.15 -24.15
C LEU D 297 41.39 7.27 -24.06
N VAL D 298 40.80 7.92 -25.04
CA VAL D 298 39.38 8.18 -24.94
C VAL D 298 38.52 6.99 -25.28
N ALA D 299 39.00 6.10 -26.13
CA ALA D 299 38.27 4.87 -26.42
C ALA D 299 38.33 3.93 -25.20
N ARG D 300 39.49 3.89 -24.54
CA ARG D 300 39.60 3.14 -23.30
C ARG D 300 38.63 3.68 -22.25
N ILE D 301 38.52 5.00 -22.10
CA ILE D 301 37.57 5.61 -21.16
C ILE D 301 36.13 5.37 -21.49
N LEU D 302 35.81 5.37 -22.77
CA LEU D 302 34.46 5.10 -23.19
C LEU D 302 34.09 3.63 -22.95
N MET D 303 35.06 2.76 -23.17
CA MET D 303 34.90 1.33 -22.85
C MET D 303 34.46 1.09 -21.40
N LEU D 304 35.00 1.88 -20.49
CA LEU D 304 34.68 1.74 -19.11
C LEU D 304 33.32 2.28 -18.77
N ALA D 305 32.42 2.38 -19.74
CA ALA D 305 31.09 2.92 -19.47
C ALA D 305 30.07 1.86 -19.87
N ASP D 306 29.36 1.27 -18.91
CA ASP D 306 28.47 0.13 -19.24
C ASP D 306 27.04 0.35 -18.77
#